data_7N0B
#
_entry.id   7N0B
#
_cell.length_a   1.00
_cell.length_b   1.00
_cell.length_c   1.00
_cell.angle_alpha   90.00
_cell.angle_beta   90.00
_cell.angle_gamma   90.00
#
_symmetry.space_group_name_H-M   'P 1'
#
loop_
_entity.id
_entity.type
_entity.pdbx_description
1 polymer 'Non-structural protein 10'
2 polymer 'Proofreading exoribonuclease'
3 polymer "RNA (5'-R(*AP*UP*GP*UP*GP*AP*UP*UP*UP*UP*AP*AP*UP*AP*GP*CP*UP*UP*CP*U)-3')"
4 polymer "RNA (5'-R(*AP*GP*AP*AP*GP*CP*UP*AP*UP*UP*AP*AP*AP*AP*UP*CP*AP*CP*C)-3')"
5 non-polymer 'ZINC ION'
6 non-polymer 'CALCIUM ION'
7 water water
#
loop_
_entity_poly.entity_id
_entity_poly.type
_entity_poly.pdbx_seq_one_letter_code
_entity_poly.pdbx_strand_id
1 'polypeptide(L)'
;AGNATEVPANSTVLSFCAFAVDAAKAYKDYLASGGQPITNCVKMLCTHTGTGQAITVTPEANMDQESFGGASCCLYCRCH
IDHPNPKGFCDLKGKYVQIPTTCANDPVGFTLKNTVCTVCGMWKGYGCSCDQLREPMLQ
;
A
2 'polypeptide(L)'
;AENVTGLFKDCSKVITGLHPTQAPTHLSVDTKFKTEGLCVDIPGIPKDMTYRRLISMMGFKMNYQVNGYPNMFITREEAI
RHVRAWIGFDVEGCHATREAVGTNLPLQLGFSTGVNLVAVPTGYVDTPNNTDFSRVSAKPPPGDQFKHLIPLMYKGLPWN
VVRIKIVQMLSDTLKNLSDRVVFVLWAHGFELTSMKYFVKIGPERTCCLCDRRATCFSTASDTYACWHHSIGFDYVYNPF
MIDVQQWGFTGNLQSNHDLYCQVHGNAHVASCDAIMTRCLAVHECFVKRVDWTIEYPIIGDELKINAACRKVQHMVVKAA
LLADKFPVLHDIGNPKAIKCVPQADVEWKFYDAQPCSDKAYKIEELFYSYATHSDKFTDGVCLFWNCNVDRYPANSIVCR
FDTRVLSNLNLPGCDGGSLYVNKHAFHTPAFDKSAFVNLKQLPFFYYSDSPCESHGKQVVSDIDYVPLKSATCITRCNLG
GAVCRHHANEYRLYLDAYNMMISAGFSLWVYKQFDTYNLWNTFTRLQ
;
B
3 'polyribonucleotide' GGGGAUGUGAUUUUAAUAGCUUCUUAGGAGAAUGACUU T
4 'polyribonucleotide' CGGUCAUUCUCCUAAGAAGCUAUUAAAAUCACC D
#
loop_
_chem_comp.id
_chem_comp.type
_chem_comp.name
_chem_comp.formula
A RNA linking ADENOSINE-5'-MONOPHOSPHATE 'C10 H14 N5 O7 P'
C RNA linking CYTIDINE-5'-MONOPHOSPHATE 'C9 H14 N3 O8 P'
CA non-polymer 'CALCIUM ION' 'Ca 2'
G RNA linking GUANOSINE-5'-MONOPHOSPHATE 'C10 H14 N5 O8 P'
U RNA linking URIDINE-5'-MONOPHOSPHATE 'C9 H13 N2 O9 P'
ZN non-polymer 'ZINC ION' 'Zn 2'
#
# COMPACT_ATOMS: atom_id res chain seq x y z
N ALA A 1 9.53 -14.78 27.07
CA ALA A 1 9.73 -13.59 27.89
C ALA A 1 8.47 -12.76 27.96
N GLY A 2 8.07 -12.34 29.16
CA GLY A 2 6.84 -11.61 29.32
C GLY A 2 5.65 -12.44 29.75
N ASN A 3 4.70 -11.75 30.37
CA ASN A 3 3.50 -12.36 30.93
C ASN A 3 2.27 -11.84 30.20
N ALA A 4 1.64 -12.72 29.42
CA ALA A 4 0.60 -12.35 28.48
C ALA A 4 -0.60 -11.73 29.19
N THR A 5 -1.20 -10.74 28.54
CA THR A 5 -2.31 -9.99 29.12
C THR A 5 -3.66 -10.17 28.44
N GLU A 6 -3.72 -10.42 27.13
CA GLU A 6 -4.99 -10.40 26.43
C GLU A 6 -5.41 -11.80 26.01
N VAL A 7 -6.68 -11.90 25.61
CA VAL A 7 -7.27 -13.13 25.11
C VAL A 7 -7.64 -12.88 23.66
N PRO A 8 -7.70 -13.91 22.82
CA PRO A 8 -8.02 -13.66 21.41
C PRO A 8 -9.45 -13.21 21.13
N ALA A 9 -10.35 -13.19 22.11
CA ALA A 9 -11.63 -12.57 21.84
C ALA A 9 -11.61 -11.04 21.83
N ASN A 10 -10.67 -10.44 22.56
CA ASN A 10 -10.59 -8.96 22.65
C ASN A 10 -9.65 -8.40 21.60
N SER A 11 -8.85 -9.25 20.95
CA SER A 11 -7.83 -8.73 19.99
C SER A 11 -8.49 -7.97 18.84
N THR A 12 -9.62 -8.46 18.32
CA THR A 12 -10.27 -7.83 17.14
C THR A 12 -10.83 -6.45 17.50
N VAL A 13 -10.94 -6.10 18.79
CA VAL A 13 -11.57 -4.87 19.12
C VAL A 13 -10.41 -4.05 19.60
N LEU A 14 -9.39 -4.70 20.16
CA LEU A 14 -8.24 -3.91 20.56
C LEU A 14 -7.49 -3.40 19.35
N SER A 15 -7.19 -4.28 18.38
CA SER A 15 -6.50 -3.83 17.18
C SER A 15 -7.22 -2.68 16.48
N PHE A 16 -8.52 -2.86 16.18
CA PHE A 16 -9.27 -1.82 15.51
C PHE A 16 -9.35 -0.53 16.32
N CYS A 17 -9.34 -0.62 17.66
CA CYS A 17 -9.38 0.61 18.45
C CYS A 17 -7.99 1.14 18.73
N ALA A 18 -6.95 0.33 18.49
CA ALA A 18 -5.59 0.84 18.64
C ALA A 18 -5.30 1.90 17.59
N PHE A 19 -5.67 1.63 16.35
CA PHE A 19 -5.65 2.64 15.30
C PHE A 19 -6.98 3.38 15.27
N ALA A 20 -7.02 4.57 15.86
CA ALA A 20 -8.16 5.45 15.70
C ALA A 20 -7.81 6.89 16.07
N VAL A 21 -8.31 7.82 15.25
CA VAL A 21 -8.07 9.24 15.52
C VAL A 21 -8.91 9.69 16.70
N ASP A 22 -10.03 9.03 16.92
CA ASP A 22 -10.93 9.30 18.03
C ASP A 22 -11.31 7.96 18.61
N ALA A 23 -10.86 7.69 19.83
CA ALA A 23 -11.00 6.34 20.38
C ALA A 23 -12.40 6.10 20.91
N ALA A 24 -13.08 7.14 21.36
CA ALA A 24 -14.42 6.99 21.89
C ALA A 24 -15.45 6.68 20.82
N LYS A 25 -15.42 7.39 19.69
CA LYS A 25 -16.39 7.18 18.64
C LYS A 25 -16.29 5.80 18.01
N ALA A 26 -15.07 5.31 17.78
CA ALA A 26 -14.83 4.00 17.20
C ALA A 26 -15.32 2.83 18.05
N TYR A 27 -15.26 2.93 19.37
CA TYR A 27 -15.81 1.85 20.17
C TYR A 27 -17.34 1.81 20.12
N LYS A 28 -17.98 2.98 20.12
CA LYS A 28 -19.44 3.02 19.97
C LYS A 28 -19.87 2.44 18.63
N ASP A 29 -19.13 2.76 17.57
CA ASP A 29 -19.49 2.23 16.26
C ASP A 29 -19.21 0.73 16.17
N TYR A 30 -18.19 0.25 16.90
CA TYR A 30 -18.00 -1.19 16.98
C TYR A 30 -19.14 -1.86 17.74
N LEU A 31 -19.63 -1.21 18.79
CA LEU A 31 -20.70 -1.78 19.60
C LEU A 31 -22.02 -1.84 18.84
N ALA A 32 -22.32 -0.79 18.06
CA ALA A 32 -23.59 -0.78 17.33
C ALA A 32 -23.65 -1.88 16.28
N SER A 33 -22.66 -1.96 15.42
CA SER A 33 -22.67 -2.91 14.29
C SER A 33 -22.05 -4.24 14.69
N GLY A 34 -22.91 -5.14 15.19
CA GLY A 34 -22.53 -6.51 15.47
C GLY A 34 -21.26 -6.71 16.26
N GLY A 35 -21.15 -6.05 17.41
CA GLY A 35 -19.92 -6.08 18.16
C GLY A 35 -20.06 -6.64 19.56
N GLN A 36 -19.17 -7.55 19.92
CA GLN A 36 -19.13 -8.11 21.26
C GLN A 36 -18.34 -7.17 22.16
N PRO A 37 -18.81 -6.92 23.38
CA PRO A 37 -18.10 -5.99 24.27
C PRO A 37 -16.72 -6.52 24.65
N ILE A 38 -15.91 -5.62 25.23
CA ILE A 38 -14.58 -6.02 25.65
C ILE A 38 -14.66 -6.89 26.91
N THR A 39 -14.26 -8.14 26.76
CA THR A 39 -14.23 -9.09 27.87
C THR A 39 -12.99 -8.85 28.71
N ASN A 40 -12.80 -9.66 29.75
CA ASN A 40 -11.59 -9.74 30.56
C ASN A 40 -11.41 -8.47 31.39
N CYS A 41 -12.48 -7.72 31.67
CA CYS A 41 -12.32 -6.56 32.54
C CYS A 41 -11.91 -7.00 33.94
N VAL A 42 -11.31 -6.08 34.69
CA VAL A 42 -10.94 -6.40 36.07
C VAL A 42 -12.08 -6.09 37.01
N LYS A 43 -12.44 -7.06 37.85
CA LYS A 43 -13.61 -6.96 38.70
C LYS A 43 -13.14 -7.17 40.13
N MET A 44 -13.78 -6.48 41.07
CA MET A 44 -13.39 -6.47 42.48
C MET A 44 -14.35 -7.31 43.32
N LEU A 45 -13.80 -8.19 44.15
CA LEU A 45 -14.62 -8.86 45.15
C LEU A 45 -14.78 -7.97 46.37
N CYS A 46 -15.72 -7.03 46.28
CA CYS A 46 -15.98 -6.12 47.38
C CYS A 46 -16.95 -6.78 48.35
N THR A 47 -17.14 -6.15 49.51
CA THR A 47 -18.21 -6.57 50.41
C THR A 47 -19.58 -6.30 49.81
N HIS A 48 -19.65 -5.46 48.79
CA HIS A 48 -20.80 -5.13 47.94
C HIS A 48 -21.88 -4.44 48.79
N THR A 49 -21.56 -4.06 50.02
CA THR A 49 -22.40 -3.24 50.88
C THR A 49 -21.56 -2.02 51.22
N GLY A 50 -21.86 -0.90 50.58
CA GLY A 50 -21.12 0.32 50.83
C GLY A 50 -21.82 1.50 50.19
N THR A 51 -21.46 2.69 50.66
CA THR A 51 -22.04 3.92 50.12
C THR A 51 -21.54 4.07 48.69
N GLY A 52 -22.42 4.55 47.82
CA GLY A 52 -22.11 4.64 46.40
C GLY A 52 -21.32 5.88 46.04
N GLN A 53 -20.23 5.70 45.30
CA GLN A 53 -19.53 6.81 44.67
C GLN A 53 -18.94 6.29 43.36
N ALA A 54 -18.76 7.19 42.39
CA ALA A 54 -18.24 6.76 41.08
C ALA A 54 -16.81 6.26 41.19
N ILE A 55 -15.91 7.11 41.65
CA ILE A 55 -14.47 6.86 41.64
C ILE A 55 -13.96 6.99 43.06
N THR A 56 -13.40 5.92 43.62
CA THR A 56 -12.89 6.02 44.98
C THR A 56 -11.59 5.24 45.08
N VAL A 57 -10.85 5.53 46.16
CA VAL A 57 -9.54 4.94 46.42
C VAL A 57 -9.73 3.55 47.00
N THR A 58 -10.78 3.36 47.79
CA THR A 58 -11.16 2.04 48.26
C THR A 58 -12.51 1.72 47.65
N PRO A 59 -12.78 0.45 47.33
CA PRO A 59 -14.02 0.12 46.63
C PRO A 59 -15.22 0.36 47.54
N GLU A 60 -16.08 1.28 47.12
CA GLU A 60 -17.31 1.51 47.87
C GLU A 60 -18.47 1.15 46.96
N ALA A 61 -19.02 -0.05 47.10
CA ALA A 61 -20.03 -0.48 46.15
C ALA A 61 -21.42 -0.51 46.80
N ASN A 62 -22.41 0.06 46.14
CA ASN A 62 -23.78 -0.06 46.62
C ASN A 62 -24.31 -1.43 46.18
N MET A 63 -25.50 -1.80 46.67
CA MET A 63 -26.11 -3.08 46.31
C MET A 63 -26.55 -3.14 44.84
N ASP A 64 -26.66 -2.01 44.15
CA ASP A 64 -27.07 -2.06 42.75
C ASP A 64 -25.92 -1.79 41.78
N GLN A 65 -24.69 -1.95 42.25
CA GLN A 65 -23.49 -1.57 41.51
C GLN A 65 -22.41 -2.64 41.62
N GLU A 66 -21.42 -2.57 40.74
CA GLU A 66 -20.23 -3.41 40.75
C GLU A 66 -19.00 -2.55 40.59
N SER A 67 -18.02 -2.74 41.46
CA SER A 67 -16.82 -1.92 41.47
C SER A 67 -15.73 -2.63 40.67
N PHE A 68 -15.32 -2.00 39.57
CA PHE A 68 -14.25 -2.51 38.74
C PHE A 68 -12.98 -1.71 38.99
N GLY A 69 -11.85 -2.30 38.63
CA GLY A 69 -10.59 -1.59 38.66
C GLY A 69 -10.50 -0.56 37.57
N GLY A 70 -10.11 0.67 37.94
CA GLY A 70 -10.32 1.79 37.04
C GLY A 70 -9.38 1.81 35.85
N ALA A 71 -8.50 0.81 35.75
CA ALA A 71 -7.62 0.74 34.60
C ALA A 71 -8.18 -0.14 33.51
N SER A 72 -9.21 -0.93 33.80
CA SER A 72 -9.81 -1.74 32.76
C SER A 72 -11.16 -1.21 32.31
N CYS A 73 -11.50 0.03 32.66
CA CYS A 73 -12.69 0.61 32.06
C CYS A 73 -12.36 1.79 31.15
N CYS A 74 -11.27 2.51 31.40
CA CYS A 74 -10.87 3.64 30.58
C CYS A 74 -10.34 3.09 29.25
N LEU A 75 -11.07 3.25 28.15
CA LEU A 75 -10.66 2.68 26.86
C LEU A 75 -9.29 3.17 26.42
N TYR A 76 -8.97 4.44 26.71
CA TYR A 76 -7.69 5.05 26.35
C TYR A 76 -6.51 4.42 27.10
N CYS A 77 -6.64 4.19 28.42
CA CYS A 77 -5.71 3.35 29.20
C CYS A 77 -5.63 1.94 28.65
N ARG A 78 -6.72 1.49 28.03
CA ARG A 78 -6.86 0.09 27.68
C ARG A 78 -6.29 -0.22 26.30
N CYS A 79 -6.17 0.79 25.46
CA CYS A 79 -5.52 0.65 24.16
C CYS A 79 -4.10 1.20 24.11
N HIS A 80 -3.60 1.78 25.21
CA HIS A 80 -2.28 2.41 25.26
C HIS A 80 -2.12 3.48 24.18
N ILE A 81 -2.98 4.49 24.25
CA ILE A 81 -2.84 5.73 23.50
C ILE A 81 -2.94 6.85 24.52
N ASP A 82 -2.83 8.10 24.06
CA ASP A 82 -2.80 9.19 25.01
C ASP A 82 -4.22 9.63 25.34
N HIS A 83 -4.47 9.81 26.64
CA HIS A 83 -5.74 10.27 27.16
C HIS A 83 -6.10 11.62 26.58
N PRO A 84 -7.39 11.88 26.32
CA PRO A 84 -7.77 13.23 25.89
C PRO A 84 -8.01 14.19 27.05
N ASN A 85 -7.92 13.70 28.27
CA ASN A 85 -8.02 14.56 29.45
C ASN A 85 -6.89 15.59 29.46
N PRO A 86 -7.17 16.84 29.82
CA PRO A 86 -6.10 17.81 30.01
C PRO A 86 -5.17 17.37 31.13
N LYS A 87 -3.90 17.77 31.01
CA LYS A 87 -2.75 17.33 31.81
C LYS A 87 -2.42 15.88 31.50
N GLY A 88 -3.07 15.28 30.49
CA GLY A 88 -2.71 13.97 29.98
C GLY A 88 -2.68 12.86 31.02
N PHE A 89 -3.43 13.03 32.11
CA PHE A 89 -3.45 12.08 33.22
C PHE A 89 -4.79 11.36 33.18
N CYS A 90 -4.78 10.05 33.29
CA CYS A 90 -6.04 9.36 33.37
C CYS A 90 -6.69 9.67 34.72
N ASP A 91 -8.00 9.97 34.74
CA ASP A 91 -8.69 10.17 36.01
C ASP A 91 -8.98 8.84 36.74
N LEU A 92 -9.33 7.80 35.97
CA LEU A 92 -9.79 6.51 36.51
C LEU A 92 -8.66 5.57 36.98
N LYS A 93 -7.56 5.45 36.22
CA LYS A 93 -6.40 4.61 36.57
C LYS A 93 -5.90 5.00 37.96
N GLY A 94 -5.73 4.01 38.84
CA GLY A 94 -5.26 4.23 40.22
C GLY A 94 -6.37 4.23 41.25
N LYS A 95 -7.60 4.41 40.81
CA LYS A 95 -8.70 4.49 41.79
C LYS A 95 -9.64 3.36 41.41
N TYR A 96 -10.56 2.98 42.28
CA TYR A 96 -11.42 1.83 41.97
C TYR A 96 -12.69 2.39 41.33
N VAL A 97 -13.02 1.97 40.11
CA VAL A 97 -14.21 2.51 39.39
C VAL A 97 -15.49 1.80 39.81
N GLN A 98 -16.65 2.37 39.51
CA GLN A 98 -17.94 1.75 39.85
C GLN A 98 -18.82 1.78 38.60
N ILE A 99 -19.53 0.70 38.29
CA ILE A 99 -20.41 0.58 37.14
C ILE A 99 -21.72 -0.05 37.60
N PRO A 100 -22.87 0.54 37.27
CA PRO A 100 -24.16 -0.09 37.61
C PRO A 100 -24.30 -1.49 37.03
N THR A 101 -24.81 -2.41 37.86
CA THR A 101 -24.77 -3.83 37.51
C THR A 101 -25.71 -4.20 36.38
N THR A 102 -26.67 -3.35 36.02
CA THR A 102 -27.52 -3.65 34.88
C THR A 102 -26.74 -3.51 33.57
N CYS A 103 -25.70 -2.67 33.57
CA CYS A 103 -24.86 -2.44 32.41
C CYS A 103 -23.40 -2.78 32.70
N ALA A 104 -23.14 -3.70 33.63
CA ALA A 104 -21.75 -3.96 34.01
C ALA A 104 -21.19 -5.20 33.34
N ASN A 105 -21.81 -5.69 32.28
CA ASN A 105 -21.14 -6.67 31.43
C ASN A 105 -20.13 -6.00 30.50
N ASP A 106 -20.30 -4.69 30.28
CA ASP A 106 -19.44 -3.90 29.39
C ASP A 106 -19.11 -2.62 30.16
N PRO A 107 -18.05 -2.65 30.99
CA PRO A 107 -17.69 -1.44 31.75
C PRO A 107 -17.17 -0.31 30.87
N VAL A 108 -16.29 -0.63 29.92
CA VAL A 108 -15.67 0.39 29.08
C VAL A 108 -16.72 1.18 28.31
N GLY A 109 -17.85 0.55 27.97
CA GLY A 109 -18.83 1.28 27.22
C GLY A 109 -19.74 2.05 28.14
N PHE A 110 -19.54 1.87 29.45
CA PHE A 110 -20.26 2.69 30.39
C PHE A 110 -19.46 3.93 30.68
N THR A 111 -18.13 3.78 30.83
CA THR A 111 -17.31 4.93 31.16
C THR A 111 -17.04 5.81 29.96
N LEU A 112 -17.33 5.35 28.74
CA LEU A 112 -17.18 6.25 27.60
C LEU A 112 -18.37 7.19 27.43
N LYS A 113 -19.60 6.70 27.63
CA LYS A 113 -20.80 7.52 27.43
C LYS A 113 -21.21 8.28 28.67
N ASN A 114 -21.07 7.73 29.87
CA ASN A 114 -21.59 8.42 31.03
C ASN A 114 -20.56 9.39 31.60
N THR A 115 -21.02 10.18 32.58
CA THR A 115 -20.21 11.20 33.22
C THR A 115 -20.51 11.22 34.70
N VAL A 116 -19.64 11.89 35.46
CA VAL A 116 -19.76 11.95 36.92
C VAL A 116 -20.28 13.32 37.33
N CYS A 117 -21.34 13.33 38.13
CA CYS A 117 -21.91 14.56 38.68
C CYS A 117 -20.91 15.18 39.63
N THR A 118 -20.58 16.45 39.39
CA THR A 118 -19.54 17.16 40.11
C THR A 118 -19.91 17.52 41.54
N VAL A 119 -21.20 17.62 41.86
CA VAL A 119 -21.56 18.15 43.17
C VAL A 119 -21.91 17.03 44.14
N CYS A 120 -22.11 15.81 43.64
CA CYS A 120 -22.41 14.72 44.56
C CYS A 120 -21.65 13.45 44.20
N GLY A 121 -20.80 13.50 43.18
CA GLY A 121 -19.89 12.42 42.86
C GLY A 121 -20.53 11.15 42.34
N MET A 122 -21.84 11.16 42.10
CA MET A 122 -22.53 10.02 41.53
C MET A 122 -22.55 10.08 40.01
N TRP A 123 -22.82 8.91 39.41
CA TRP A 123 -23.08 8.82 37.99
C TRP A 123 -24.38 9.54 37.65
N LYS A 124 -24.27 10.59 36.83
CA LYS A 124 -25.41 11.42 36.47
C LYS A 124 -26.49 10.62 35.75
N GLY A 125 -27.72 10.69 36.26
CA GLY A 125 -28.82 9.91 35.74
C GLY A 125 -28.93 8.49 36.27
N TYR A 126 -27.91 7.97 36.93
CA TYR A 126 -27.95 6.62 37.45
C TYR A 126 -27.99 6.57 38.97
N GLY A 127 -28.66 7.53 39.60
CA GLY A 127 -28.80 7.61 41.04
C GLY A 127 -28.37 8.96 41.56
N CYS A 128 -27.86 9.79 40.65
CA CYS A 128 -27.68 11.21 40.92
C CYS A 128 -29.02 11.91 41.13
N SER A 129 -29.21 12.49 42.30
CA SER A 129 -30.51 13.04 42.70
C SER A 129 -30.35 14.55 42.85
N CYS A 130 -30.29 15.24 41.70
CA CYS A 130 -29.99 16.68 41.66
C CYS A 130 -31.14 17.51 41.11
N ASP A 131 -32.37 17.00 41.18
CA ASP A 131 -33.54 17.79 40.82
C ASP A 131 -33.68 19.02 41.72
N GLU B 2 -5.44 -22.56 26.15
CA GLU B 2 -4.45 -21.49 26.09
C GLU B 2 -5.15 -20.14 26.20
N ASN B 3 -5.73 -19.71 25.08
CA ASN B 3 -6.47 -18.45 24.94
C ASN B 3 -5.67 -17.25 25.44
N VAL B 4 -4.44 -17.10 24.93
CA VAL B 4 -3.61 -15.94 25.20
C VAL B 4 -3.20 -15.37 23.86
N THR B 5 -2.70 -14.13 23.85
CA THR B 5 -2.23 -13.58 22.59
C THR B 5 -0.94 -12.83 22.88
N GLY B 6 -0.13 -12.66 21.83
CA GLY B 6 1.13 -11.95 21.99
C GLY B 6 0.94 -10.45 22.06
N LEU B 7 -0.30 -9.99 21.90
CA LEU B 7 -0.57 -8.55 21.89
C LEU B 7 -0.50 -7.97 23.29
N PHE B 8 0.07 -6.75 23.36
CA PHE B 8 0.23 -5.98 24.59
C PHE B 8 0.95 -6.78 25.68
N LYS B 9 1.84 -7.68 25.27
CA LYS B 9 2.51 -8.54 26.23
C LYS B 9 3.56 -7.76 27.02
N ASP B 10 3.32 -7.62 28.31
CA ASP B 10 4.21 -6.91 29.24
C ASP B 10 5.63 -7.48 29.16
N CYS B 11 6.58 -6.64 28.77
CA CYS B 11 7.94 -7.11 28.58
C CYS B 11 8.94 -6.65 29.64
N SER B 12 8.51 -6.34 30.85
CA SER B 12 9.44 -5.96 31.91
C SER B 12 10.03 -7.20 32.55
N LYS B 13 11.05 -7.00 33.37
CA LYS B 13 11.70 -8.11 34.06
C LYS B 13 11.50 -8.02 35.57
N VAL B 14 10.55 -7.21 36.02
CA VAL B 14 10.18 -7.21 37.42
C VAL B 14 9.45 -8.51 37.75
N ILE B 15 9.80 -9.11 38.90
CA ILE B 15 9.24 -10.40 39.27
C ILE B 15 7.77 -10.25 39.65
N THR B 16 7.42 -9.14 40.28
CA THR B 16 6.04 -8.94 40.72
C THR B 16 5.15 -8.55 39.56
N GLY B 17 3.84 -8.56 39.82
CA GLY B 17 2.86 -8.15 38.85
C GLY B 17 2.42 -6.71 39.05
N LEU B 18 1.13 -6.50 38.86
CA LEU B 18 0.56 -5.17 39.02
C LEU B 18 -0.48 -5.16 40.13
N HIS B 19 -0.79 -3.96 40.60
CA HIS B 19 -1.81 -3.72 41.62
C HIS B 19 -3.16 -4.07 41.00
N PRO B 20 -4.22 -4.23 41.78
CA PRO B 20 -5.56 -4.41 41.17
C PRO B 20 -5.96 -3.26 40.25
N THR B 21 -5.87 -2.03 40.73
CA THR B 21 -5.90 -0.92 39.80
C THR B 21 -4.56 -0.78 39.10
N GLN B 22 -4.54 0.14 38.12
CA GLN B 22 -3.41 0.40 37.21
C GLN B 22 -2.92 -0.87 36.51
N ALA B 23 -3.79 -1.89 36.42
CA ALA B 23 -3.54 -3.08 35.63
C ALA B 23 -4.53 -3.16 34.49
N PRO B 24 -4.08 -3.33 33.26
CA PRO B 24 -5.01 -3.29 32.12
C PRO B 24 -6.01 -4.43 32.08
N THR B 25 -5.58 -5.68 32.27
CA THR B 25 -6.52 -6.80 32.26
C THR B 25 -6.35 -7.66 33.50
N HIS B 26 -7.23 -8.67 33.60
CA HIS B 26 -7.21 -9.57 34.74
C HIS B 26 -5.99 -10.48 34.75
N LEU B 27 -5.45 -10.80 33.58
CA LEU B 27 -4.30 -11.69 33.51
C LEU B 27 -3.00 -11.02 33.90
N SER B 28 -2.99 -9.71 34.10
CA SER B 28 -1.77 -9.01 34.47
C SER B 28 -1.67 -8.74 35.96
N VAL B 29 -2.75 -8.94 36.71
CA VAL B 29 -2.69 -8.78 38.16
C VAL B 29 -1.81 -9.88 38.75
N ASP B 30 -1.09 -9.54 39.82
CA ASP B 30 -0.23 -10.50 40.47
C ASP B 30 -1.05 -11.59 41.17
N THR B 31 -0.36 -12.63 41.64
CA THR B 31 -1.00 -13.78 42.25
C THR B 31 -1.54 -13.48 43.64
N LYS B 32 -1.02 -12.45 44.31
CA LYS B 32 -1.43 -12.15 45.67
C LYS B 32 -2.88 -11.66 45.76
N PHE B 33 -3.42 -11.14 44.66
CA PHE B 33 -4.76 -10.59 44.65
C PHE B 33 -5.77 -11.47 43.92
N LYS B 34 -5.31 -12.38 43.07
CA LYS B 34 -6.16 -13.13 42.17
C LYS B 34 -6.76 -14.33 42.90
N THR B 35 -8.06 -14.26 43.18
CA THR B 35 -8.78 -15.32 43.88
C THR B 35 -10.10 -15.57 43.15
N GLU B 36 -10.18 -16.73 42.50
CA GLU B 36 -11.40 -17.20 41.82
C GLU B 36 -11.83 -16.17 40.78
N GLY B 37 -10.87 -15.78 39.93
CA GLY B 37 -11.10 -14.86 38.83
C GLY B 37 -11.61 -13.49 39.21
N LEU B 38 -11.66 -13.18 40.51
CA LEU B 38 -12.16 -11.89 40.99
C LEU B 38 -11.21 -11.35 42.04
N CYS B 39 -10.45 -10.30 41.66
CA CYS B 39 -9.41 -9.73 42.50
C CYS B 39 -9.93 -8.98 43.73
N VAL B 40 -9.14 -9.05 44.81
CA VAL B 40 -9.48 -8.50 46.12
C VAL B 40 -8.54 -7.34 46.42
N ASP B 41 -9.07 -6.28 47.03
CA ASP B 41 -8.31 -5.08 47.39
C ASP B 41 -7.68 -5.26 48.77
N ILE B 42 -6.44 -5.73 48.81
CA ILE B 42 -5.73 -5.83 50.09
C ILE B 42 -5.26 -4.42 50.47
N PRO B 43 -5.76 -3.85 51.57
CA PRO B 43 -5.34 -2.51 51.98
C PRO B 43 -3.90 -2.43 52.47
N GLY B 44 -3.27 -3.56 52.79
CA GLY B 44 -1.89 -3.50 53.27
C GLY B 44 -0.89 -3.16 52.18
N ILE B 45 -0.94 -3.89 51.07
CA ILE B 45 -0.02 -3.66 49.96
C ILE B 45 -0.40 -2.39 49.21
N PRO B 46 0.46 -1.38 49.18
CA PRO B 46 0.19 -0.17 48.40
C PRO B 46 0.48 -0.41 46.93
N LYS B 47 0.19 0.62 46.13
CA LYS B 47 0.39 0.56 44.69
C LYS B 47 1.70 1.23 44.31
N ASP B 48 2.30 0.74 43.24
CA ASP B 48 3.53 1.34 42.71
C ASP B 48 3.26 2.74 42.18
N MET B 49 4.16 3.67 42.49
CA MET B 49 4.04 5.03 41.99
C MET B 49 5.14 5.41 41.02
N THR B 50 6.25 4.68 40.99
CA THR B 50 7.31 4.90 40.00
C THR B 50 7.67 3.54 39.42
N TYR B 51 7.24 3.30 38.18
CA TYR B 51 7.56 2.06 37.48
C TYR B 51 7.38 2.29 36.00
N ARG B 52 8.12 1.51 35.21
CA ARG B 52 8.03 1.59 33.76
C ARG B 52 8.06 0.20 33.14
N ARG B 53 7.06 -0.09 32.29
CA ARG B 53 6.90 -1.39 31.67
C ARG B 53 6.72 -1.22 30.17
N LEU B 54 7.62 -1.81 29.39
CA LEU B 54 7.60 -1.67 27.93
C LEU B 54 6.52 -2.62 27.40
N ILE B 55 5.38 -2.05 26.99
CA ILE B 55 4.32 -2.83 26.35
C ILE B 55 4.73 -3.19 24.94
N SER B 56 4.42 -4.42 24.53
CA SER B 56 4.83 -4.95 23.23
C SER B 56 3.67 -4.84 22.26
N MET B 57 3.79 -3.95 21.28
CA MET B 57 2.75 -3.80 20.26
C MET B 57 2.97 -4.78 19.12
N MET B 58 2.95 -6.07 19.46
CA MET B 58 3.26 -7.12 18.49
C MET B 58 2.13 -8.12 18.40
N GLY B 59 1.66 -8.36 17.18
CA GLY B 59 0.57 -9.27 16.94
C GLY B 59 -0.79 -8.67 16.65
N PHE B 60 -0.84 -7.45 16.12
CA PHE B 60 -2.11 -6.85 15.73
C PHE B 60 -2.84 -7.71 14.70
N LYS B 61 -4.15 -7.84 14.86
CA LYS B 61 -5.01 -8.60 13.95
C LYS B 61 -6.11 -7.68 13.44
N MET B 62 -5.95 -7.17 12.23
CA MET B 62 -6.94 -6.27 11.63
C MET B 62 -7.96 -7.07 10.82
N ASN B 63 -8.77 -7.82 11.55
CA ASN B 63 -9.86 -8.59 10.95
C ASN B 63 -11.22 -8.05 11.36
N TYR B 64 -11.28 -6.77 11.73
CA TYR B 64 -12.52 -6.16 12.18
C TYR B 64 -13.47 -6.00 11.01
N GLN B 65 -14.77 -6.01 11.29
CA GLN B 65 -15.77 -5.59 10.30
C GLN B 65 -16.73 -4.58 10.93
N VAL B 66 -16.52 -3.31 10.60
CA VAL B 66 -17.39 -2.22 11.04
C VAL B 66 -17.98 -1.56 9.80
N ASN B 67 -19.15 -0.94 9.95
CA ASN B 67 -19.93 -0.49 8.78
C ASN B 67 -19.22 0.63 8.02
N GLY B 68 -18.86 1.70 8.71
CA GLY B 68 -18.33 2.87 8.03
C GLY B 68 -16.83 2.79 7.81
N TYR B 69 -16.18 1.89 8.53
CA TYR B 69 -14.72 1.87 8.59
C TYR B 69 -14.21 0.92 7.52
N PRO B 70 -13.32 1.36 6.63
CA PRO B 70 -12.83 0.45 5.59
C PRO B 70 -11.88 -0.57 6.19
N ASN B 71 -11.80 -1.71 5.53
CA ASN B 71 -10.92 -2.77 5.99
C ASN B 71 -9.51 -2.44 5.55
N MET B 72 -8.54 -2.71 6.43
CA MET B 72 -7.15 -2.58 6.04
C MET B 72 -6.82 -3.62 4.98
N PHE B 73 -6.93 -4.90 5.34
CA PHE B 73 -6.47 -5.94 4.43
C PHE B 73 -7.45 -6.08 3.28
N ILE B 74 -6.94 -6.31 2.08
CA ILE B 74 -7.78 -6.37 0.90
C ILE B 74 -7.60 -7.70 0.17
N THR B 75 -8.58 -8.01 -0.67
CA THR B 75 -8.61 -9.19 -1.51
C THR B 75 -7.91 -8.87 -2.82
N ARG B 76 -7.30 -9.88 -3.43
CA ARG B 76 -6.42 -9.66 -4.57
C ARG B 76 -7.17 -9.43 -5.87
N GLU B 77 -8.48 -9.20 -5.82
CA GLU B 77 -9.23 -8.59 -6.91
C GLU B 77 -9.51 -7.11 -6.65
N GLU B 78 -9.13 -6.59 -5.48
CA GLU B 78 -9.21 -5.17 -5.20
C GLU B 78 -7.84 -4.53 -5.08
N ALA B 79 -6.76 -5.32 -5.02
CA ALA B 79 -5.42 -4.77 -5.09
C ALA B 79 -4.84 -4.74 -6.49
N ILE B 80 -5.37 -5.55 -7.41
CA ILE B 80 -4.97 -5.40 -8.80
C ILE B 80 -5.64 -4.17 -9.42
N ARG B 81 -6.80 -3.76 -8.91
CA ARG B 81 -7.42 -2.54 -9.40
C ARG B 81 -6.68 -1.29 -8.93
N HIS B 82 -6.02 -1.33 -7.80
CA HIS B 82 -5.12 -0.25 -7.40
C HIS B 82 -3.70 -0.79 -7.50
N VAL B 83 -3.07 -0.58 -8.65
CA VAL B 83 -1.68 -0.99 -8.85
C VAL B 83 -0.75 0.20 -8.97
N ARG B 84 -1.30 1.40 -9.14
CA ARG B 84 -0.50 2.61 -9.13
C ARG B 84 -0.13 3.06 -7.73
N ALA B 85 -0.69 2.43 -6.71
CA ALA B 85 -0.55 2.86 -5.33
C ALA B 85 0.13 1.80 -4.49
N TRP B 86 0.96 0.96 -5.11
CA TRP B 86 1.71 -0.05 -4.38
C TRP B 86 3.03 0.56 -3.89
N ILE B 87 3.26 0.49 -2.59
CA ILE B 87 4.52 0.93 -1.98
C ILE B 87 4.95 -0.19 -1.04
N GLY B 88 5.95 -0.97 -1.43
CA GLY B 88 6.48 -2.04 -0.60
C GLY B 88 6.99 -1.53 0.72
N PHE B 89 7.06 -2.41 1.71
CA PHE B 89 7.38 -2.00 3.07
C PHE B 89 8.04 -3.15 3.81
N ASP B 90 9.25 -2.93 4.31
CA ASP B 90 9.88 -3.92 5.18
C ASP B 90 10.64 -3.19 6.29
N VAL B 91 10.53 -3.70 7.51
CA VAL B 91 11.07 -3.04 8.69
C VAL B 91 12.05 -3.96 9.39
N GLU B 92 13.24 -3.47 9.70
CA GLU B 92 14.24 -4.27 10.42
C GLU B 92 14.24 -3.77 11.84
N GLY B 93 14.25 -4.65 12.80
CA GLY B 93 14.00 -4.32 14.20
C GLY B 93 15.23 -4.44 15.07
N CYS B 94 15.09 -3.92 16.27
CA CYS B 94 16.09 -4.09 17.31
C CYS B 94 15.42 -4.55 18.61
N HIS B 95 16.05 -5.49 19.31
CA HIS B 95 15.47 -6.09 20.51
C HIS B 95 15.81 -5.23 21.73
N ALA B 96 14.87 -5.15 22.65
CA ALA B 96 15.07 -4.43 23.90
C ALA B 96 15.87 -5.32 24.84
N THR B 97 17.03 -4.84 25.29
CA THR B 97 17.89 -5.67 26.12
C THR B 97 17.94 -5.27 27.60
N ARG B 98 17.93 -3.98 27.94
CA ARG B 98 18.09 -3.55 29.31
C ARG B 98 16.73 -3.12 29.85
N GLU B 99 16.37 -3.66 31.02
CA GLU B 99 15.18 -3.33 31.81
C GLU B 99 13.88 -3.64 31.07
N ALA B 100 13.98 -4.30 29.91
CA ALA B 100 12.84 -4.75 29.13
C ALA B 100 13.36 -5.76 28.12
N VAL B 101 12.68 -6.89 27.99
CA VAL B 101 13.05 -7.96 27.07
C VAL B 101 11.77 -8.54 26.48
N GLY B 102 11.74 -8.77 25.18
CA GLY B 102 10.56 -9.44 24.66
C GLY B 102 9.81 -8.78 23.52
N THR B 103 10.30 -7.68 22.98
CA THR B 103 9.62 -7.04 21.86
C THR B 103 10.62 -6.50 20.87
N ASN B 104 10.27 -6.55 19.59
CA ASN B 104 11.12 -6.00 18.54
C ASN B 104 10.66 -4.59 18.18
N LEU B 105 11.34 -3.58 18.73
CA LEU B 105 11.04 -2.23 18.35
C LEU B 105 11.49 -1.98 16.91
N PRO B 106 10.80 -1.14 16.16
CA PRO B 106 11.21 -0.94 14.76
C PRO B 106 12.44 -0.06 14.71
N LEU B 107 13.45 -0.47 13.94
CA LEU B 107 14.65 0.34 13.81
C LEU B 107 14.77 1.03 12.45
N GLN B 108 14.55 0.29 11.37
CA GLN B 108 14.82 0.76 10.02
C GLN B 108 13.60 0.55 9.14
N LEU B 109 13.04 1.63 8.63
CA LEU B 109 11.90 1.50 7.74
C LEU B 109 12.40 1.71 6.32
N GLY B 110 11.87 0.94 5.37
CA GLY B 110 12.28 1.09 4.00
C GLY B 110 11.16 0.91 3.01
N PHE B 111 11.15 1.69 1.95
CA PHE B 111 10.06 1.69 0.99
C PHE B 111 10.57 1.33 -0.39
N SER B 112 9.62 1.13 -1.32
CA SER B 112 10.00 0.91 -2.72
C SER B 112 10.51 2.17 -3.39
N THR B 113 10.37 3.33 -2.75
CA THR B 113 10.90 4.56 -3.34
C THR B 113 12.42 4.54 -3.32
N GLY B 114 13.00 3.87 -2.34
CA GLY B 114 14.42 3.80 -2.19
C GLY B 114 14.97 4.57 -1.02
N VAL B 115 14.14 4.91 -0.04
CA VAL B 115 14.51 5.79 1.05
C VAL B 115 14.50 4.99 2.34
N ASN B 116 15.66 4.86 2.97
CA ASN B 116 15.74 4.26 4.29
C ASN B 116 15.57 5.32 5.35
N LEU B 117 14.67 5.09 6.29
CA LEU B 117 14.48 6.00 7.40
C LEU B 117 14.79 5.23 8.68
N VAL B 118 15.88 5.58 9.30
CA VAL B 118 16.22 5.03 10.61
C VAL B 118 15.47 5.79 11.69
N ALA B 119 15.02 5.07 12.70
CA ALA B 119 14.37 5.67 13.84
C ALA B 119 15.07 5.20 15.10
N VAL B 120 14.96 6.01 16.15
CA VAL B 120 15.49 5.60 17.46
C VAL B 120 14.58 4.48 17.96
N PRO B 121 15.05 3.55 18.78
CA PRO B 121 14.15 2.54 19.35
C PRO B 121 13.20 3.17 20.35
N THR B 122 11.90 3.10 20.06
CA THR B 122 10.88 3.81 20.81
C THR B 122 9.70 2.89 21.03
N GLY B 123 9.26 2.79 22.30
CA GLY B 123 8.23 1.86 22.67
C GLY B 123 7.24 2.52 23.62
N TYR B 124 6.18 1.77 23.90
CA TYR B 124 5.04 2.27 24.66
C TYR B 124 5.24 1.88 26.12
N VAL B 125 5.77 2.81 26.91
CA VAL B 125 6.10 2.55 28.30
C VAL B 125 4.93 2.96 29.17
N ASP B 126 4.38 2.01 29.93
CA ASP B 126 3.11 2.23 30.61
C ASP B 126 3.41 2.80 31.99
N THR B 127 3.38 4.13 32.10
CA THR B 127 3.65 4.83 33.34
C THR B 127 2.45 4.74 34.28
N PRO B 128 2.58 5.22 35.53
CA PRO B 128 1.40 5.23 36.42
C PRO B 128 0.24 6.08 35.94
N ASN B 129 0.49 7.17 35.22
CA ASN B 129 -0.59 8.10 34.91
C ASN B 129 -1.02 8.11 33.45
N ASN B 130 -0.25 7.53 32.55
CA ASN B 130 -0.54 7.57 31.12
C ASN B 130 0.28 6.47 30.45
N THR B 131 0.18 6.40 29.14
CA THR B 131 1.06 5.55 28.33
C THR B 131 2.08 6.46 27.64
N ASP B 132 3.29 6.46 28.19
CA ASP B 132 4.39 7.34 27.84
C ASP B 132 5.14 6.73 26.67
N PHE B 133 4.79 7.18 25.47
CA PHE B 133 5.49 6.77 24.26
C PHE B 133 6.89 7.36 24.32
N SER B 134 7.93 6.52 24.48
CA SER B 134 9.24 7.08 24.77
C SER B 134 10.34 6.10 24.40
N ARG B 135 11.58 6.58 24.46
CA ARG B 135 12.74 5.79 24.07
C ARG B 135 13.02 4.70 25.07
N VAL B 136 13.21 3.47 24.59
CA VAL B 136 13.65 2.36 25.41
C VAL B 136 15.06 1.99 24.98
N SER B 137 15.73 1.21 25.81
CA SER B 137 17.07 0.73 25.49
C SER B 137 17.00 -0.53 24.66
N ALA B 138 17.91 -0.64 23.69
CA ALA B 138 17.82 -1.71 22.71
C ALA B 138 19.21 -2.19 22.30
N LYS B 139 19.26 -3.42 21.80
CA LYS B 139 20.42 -3.98 21.15
C LYS B 139 20.08 -4.48 19.75
N PRO B 140 20.99 -4.35 18.79
CA PRO B 140 20.72 -4.83 17.43
C PRO B 140 20.79 -6.34 17.39
N PRO B 141 20.23 -6.99 16.37
CA PRO B 141 20.12 -8.45 16.39
C PRO B 141 21.47 -9.13 16.42
N PRO B 142 21.54 -10.35 16.94
CA PRO B 142 22.83 -11.03 17.05
C PRO B 142 23.16 -11.81 15.80
N GLY B 143 24.45 -11.87 15.50
CA GLY B 143 24.96 -12.67 14.40
C GLY B 143 25.65 -11.82 13.36
N ASP B 144 26.39 -12.52 12.50
CA ASP B 144 27.02 -11.87 11.35
C ASP B 144 26.07 -11.73 10.18
N GLN B 145 24.86 -12.27 10.29
CA GLN B 145 23.83 -11.99 9.31
C GLN B 145 23.35 -10.55 9.41
N PHE B 146 23.24 -10.02 10.62
CA PHE B 146 22.94 -8.61 10.86
C PHE B 146 24.16 -7.92 11.43
N LYS B 147 24.94 -7.27 10.56
CA LYS B 147 26.03 -6.42 10.99
C LYS B 147 25.93 -5.01 10.47
N HIS B 148 25.05 -4.74 9.51
CA HIS B 148 24.80 -3.40 9.02
C HIS B 148 23.72 -2.68 9.80
N LEU B 149 23.24 -3.27 10.88
CA LEU B 149 22.42 -2.57 11.88
C LEU B 149 23.21 -2.22 13.13
N ILE B 150 24.51 -2.49 13.13
CA ILE B 150 25.41 -2.12 14.22
C ILE B 150 25.64 -0.61 14.24
N PRO B 151 25.89 0.08 13.12
CA PRO B 151 26.03 1.54 13.20
C PRO B 151 24.70 2.28 13.28
N LEU B 152 23.60 1.68 12.85
CA LEU B 152 22.36 2.42 12.71
C LEU B 152 21.76 2.79 14.06
N MET B 153 22.06 2.01 15.11
CA MET B 153 21.54 2.34 16.43
C MET B 153 22.24 3.54 17.06
N TYR B 154 23.29 4.06 16.42
CA TYR B 154 24.00 5.25 16.87
C TYR B 154 23.65 6.46 16.02
N LYS B 155 22.53 6.38 15.31
CA LYS B 155 22.01 7.46 14.48
C LYS B 155 20.51 7.26 14.38
N GLY B 156 19.87 8.14 13.64
CA GLY B 156 18.43 8.10 13.48
C GLY B 156 17.78 9.37 13.97
N LEU B 157 16.46 9.38 13.90
CA LEU B 157 15.67 10.55 14.25
C LEU B 157 14.58 10.16 15.21
N PRO B 158 14.09 11.09 16.03
CA PRO B 158 12.97 10.78 16.91
C PRO B 158 11.71 10.54 16.09
N TRP B 159 10.71 9.94 16.72
CA TRP B 159 9.52 9.57 15.97
C TRP B 159 8.58 10.74 15.72
N ASN B 160 8.97 11.98 15.98
CA ASN B 160 8.21 13.10 15.45
C ASN B 160 8.89 13.80 14.28
N VAL B 161 9.99 13.26 13.77
CA VAL B 161 10.53 13.68 12.49
C VAL B 161 10.55 12.55 11.46
N VAL B 162 10.45 11.29 11.90
CA VAL B 162 10.33 10.17 11.00
C VAL B 162 8.87 9.78 10.84
N ARG B 163 7.98 10.60 11.37
CA ARG B 163 6.57 10.52 11.04
C ARG B 163 6.23 11.52 9.97
N ILE B 164 7.07 12.56 9.81
CA ILE B 164 6.84 13.57 8.79
C ILE B 164 7.74 13.33 7.58
N LYS B 165 8.78 12.51 7.71
CA LYS B 165 9.49 12.11 6.50
C LYS B 165 8.96 10.81 5.92
N ILE B 166 7.81 10.34 6.41
CA ILE B 166 7.09 9.28 5.72
C ILE B 166 5.91 9.88 4.98
N VAL B 167 5.47 11.08 5.38
CA VAL B 167 4.38 11.77 4.72
C VAL B 167 4.92 12.90 3.87
N GLN B 168 6.24 13.02 3.80
CA GLN B 168 6.88 13.87 2.82
C GLN B 168 7.45 13.06 1.68
N MET B 169 7.63 11.74 1.89
CA MET B 169 8.05 10.80 0.86
C MET B 169 6.87 10.13 0.17
N LEU B 170 5.88 9.64 0.94
CA LEU B 170 4.67 9.09 0.32
C LEU B 170 3.94 10.15 -0.49
N SER B 171 3.89 11.38 0.01
CA SER B 171 3.15 12.41 -0.70
C SER B 171 3.85 12.85 -1.97
N ASP B 172 5.17 12.67 -2.05
CA ASP B 172 5.88 13.02 -3.27
C ASP B 172 5.94 11.88 -4.25
N THR B 173 5.83 10.63 -3.78
CA THR B 173 5.72 9.50 -4.70
C THR B 173 4.32 9.39 -5.30
N LEU B 174 3.30 9.31 -4.44
CA LEU B 174 1.93 9.04 -4.86
C LEU B 174 1.12 10.31 -5.11
N LYS B 175 1.78 11.43 -5.38
CA LYS B 175 1.07 12.67 -5.69
C LYS B 175 0.21 12.54 -6.93
N ASN B 176 0.70 11.85 -7.94
CA ASN B 176 0.04 11.82 -9.24
C ASN B 176 -0.43 10.43 -9.64
N LEU B 177 -0.02 9.38 -8.93
CA LEU B 177 -0.44 8.03 -9.30
C LEU B 177 -1.86 7.75 -8.82
N SER B 178 -2.13 7.92 -7.52
CA SER B 178 -3.41 7.52 -6.97
C SER B 178 -3.75 8.39 -5.77
N ASP B 179 -4.90 8.12 -5.16
CA ASP B 179 -5.35 8.85 -3.99
C ASP B 179 -5.53 7.95 -2.78
N ARG B 180 -4.90 6.78 -2.80
CA ARG B 180 -4.83 5.90 -1.64
C ARG B 180 -3.44 5.27 -1.67
N VAL B 181 -3.15 4.43 -0.70
CA VAL B 181 -1.83 3.77 -0.65
C VAL B 181 -2.02 2.31 -0.28
N VAL B 182 -1.41 1.41 -1.05
CA VAL B 182 -1.53 -0.01 -0.80
C VAL B 182 -0.15 -0.50 -0.38
N PHE B 183 0.04 -0.67 0.93
CA PHE B 183 1.33 -1.06 1.51
C PHE B 183 1.53 -2.55 1.29
N VAL B 184 2.36 -2.92 0.32
CA VAL B 184 2.61 -4.33 0.05
C VAL B 184 3.63 -4.88 1.05
N LEU B 185 3.19 -5.67 2.01
CA LEU B 185 4.13 -6.13 3.06
C LEU B 185 4.38 -7.59 2.85
N TRP B 186 5.60 -8.10 3.04
CA TRP B 186 5.78 -9.58 3.04
C TRP B 186 5.36 -10.19 4.40
N ALA B 187 5.86 -9.71 5.52
CA ALA B 187 5.60 -10.34 6.83
C ALA B 187 4.16 -10.40 7.35
N HIS B 188 3.38 -9.32 7.43
CA HIS B 188 2.03 -9.24 8.04
C HIS B 188 2.16 -9.27 9.56
N GLY B 189 3.38 -9.14 10.05
CA GLY B 189 3.53 -9.06 11.51
C GLY B 189 4.28 -7.84 11.95
N PHE B 190 5.60 -7.88 11.86
CA PHE B 190 6.43 -6.74 12.35
C PHE B 190 5.98 -5.50 11.58
N GLU B 191 5.60 -5.58 10.31
CA GLU B 191 5.10 -4.37 9.64
C GLU B 191 3.90 -3.86 10.43
N LEU B 192 2.83 -4.63 10.67
CA LEU B 192 1.72 -4.08 11.44
C LEU B 192 2.20 -3.46 12.75
N THR B 193 3.09 -4.16 13.44
CA THR B 193 3.73 -3.59 14.64
C THR B 193 4.37 -2.24 14.36
N SER B 194 4.97 -2.08 13.19
CA SER B 194 5.56 -0.80 12.81
C SER B 194 4.55 0.14 12.19
N MET B 195 3.28 -0.27 12.11
CA MET B 195 2.26 0.67 11.64
C MET B 195 1.43 1.23 12.78
N LYS B 196 1.60 0.72 13.99
CA LYS B 196 1.04 1.44 15.14
C LYS B 196 1.64 2.84 15.24
N TYR B 197 2.85 3.03 14.72
CA TYR B 197 3.55 4.28 14.93
C TYR B 197 3.13 5.39 13.98
N PHE B 198 2.76 5.08 12.73
CA PHE B 198 2.41 6.17 11.81
C PHE B 198 1.08 6.00 11.08
N VAL B 199 0.17 5.15 11.55
CA VAL B 199 -1.10 4.94 10.85
C VAL B 199 -2.24 5.11 11.84
N LYS B 200 -3.24 5.91 11.46
CA LYS B 200 -4.48 6.05 12.21
C LYS B 200 -5.66 5.77 11.29
N ILE B 201 -6.25 4.57 11.36
CA ILE B 201 -7.52 4.35 10.66
C ILE B 201 -8.65 5.08 11.38
N GLY B 202 -9.70 5.36 10.61
CA GLY B 202 -10.88 6.03 11.11
C GLY B 202 -11.98 6.01 10.07
N PRO B 203 -13.08 6.69 10.33
CA PRO B 203 -14.17 6.72 9.36
C PRO B 203 -13.74 7.39 8.06
N GLU B 204 -14.45 7.05 6.98
CA GLU B 204 -14.09 7.52 5.65
C GLU B 204 -14.34 9.02 5.51
N ARG B 205 -13.27 9.79 5.35
CA ARG B 205 -13.32 11.24 5.40
C ARG B 205 -12.89 11.83 4.06
N THR B 206 -13.01 13.14 3.95
CA THR B 206 -12.75 13.87 2.71
C THR B 206 -11.80 15.01 3.02
N CYS B 207 -10.88 15.36 2.13
CA CYS B 207 -9.86 16.37 2.42
C CYS B 207 -10.45 17.73 2.84
N CYS B 208 -9.79 18.44 3.74
CA CYS B 208 -10.16 19.81 4.10
C CYS B 208 -9.97 20.77 2.90
N LEU B 209 -10.97 21.62 2.63
CA LEU B 209 -10.98 22.66 1.59
C LEU B 209 -10.49 22.14 0.21
N CYS B 210 -11.11 21.04 -0.25
CA CYS B 210 -10.66 20.23 -1.38
C CYS B 210 -11.80 19.25 -1.81
N ASP B 211 -11.48 18.18 -2.53
CA ASP B 211 -12.45 17.13 -2.91
C ASP B 211 -11.89 15.69 -2.95
N ARG B 212 -10.57 15.54 -2.81
CA ARG B 212 -9.94 14.19 -2.93
C ARG B 212 -10.14 13.38 -1.64
N ARG B 213 -9.88 12.06 -1.69
CA ARG B 213 -10.02 11.22 -0.50
C ARG B 213 -9.01 11.66 0.55
N ALA B 214 -9.39 11.55 1.80
CA ALA B 214 -8.55 12.03 2.90
C ALA B 214 -7.62 10.91 3.33
N THR B 215 -6.33 11.11 3.10
CA THR B 215 -5.31 10.09 3.33
C THR B 215 -4.21 10.52 4.29
N CYS B 216 -4.25 11.73 4.82
CA CYS B 216 -3.23 12.21 5.73
C CYS B 216 -3.88 12.89 6.92
N PHE B 217 -3.51 12.47 8.12
CA PHE B 217 -4.05 13.03 9.35
C PHE B 217 -3.04 14.00 9.95
N SER B 218 -3.54 15.04 10.62
CA SER B 218 -2.67 15.96 11.33
C SER B 218 -3.05 15.98 12.80
N THR B 219 -2.12 15.58 13.66
CA THR B 219 -2.46 15.48 15.07
C THR B 219 -2.47 16.85 15.74
N ALA B 220 -1.62 17.77 15.27
CA ALA B 220 -1.59 19.11 15.86
C ALA B 220 -2.90 19.84 15.64
N SER B 221 -3.26 20.06 14.37
CA SER B 221 -4.55 20.59 14.01
C SER B 221 -5.41 19.45 13.47
N ASP B 222 -6.51 19.14 14.18
CA ASP B 222 -7.18 17.85 14.02
C ASP B 222 -7.98 17.90 12.71
N THR B 223 -7.24 17.80 11.62
CA THR B 223 -7.83 17.81 10.29
C THR B 223 -7.19 16.74 9.40
N TYR B 224 -7.73 16.62 8.21
CA TYR B 224 -7.32 15.64 7.23
C TYR B 224 -6.89 16.34 5.95
N ALA B 225 -6.15 15.63 5.13
CA ALA B 225 -5.66 16.14 3.87
C ALA B 225 -5.60 15.05 2.80
N CYS B 226 -5.64 15.50 1.55
CA CYS B 226 -5.28 14.76 0.36
C CYS B 226 -3.77 14.72 0.21
N TRP B 227 -3.29 14.02 -0.81
CA TRP B 227 -1.86 13.84 -1.00
C TRP B 227 -1.15 15.10 -1.47
N HIS B 228 -1.87 16.12 -1.97
CA HIS B 228 -1.26 17.36 -2.48
C HIS B 228 -1.02 18.41 -1.39
N HIS B 229 -1.90 18.45 -0.39
CA HIS B 229 -1.93 19.50 0.65
C HIS B 229 -1.23 19.07 1.94
N SER B 230 -0.69 17.85 1.99
CA SER B 230 -0.06 17.27 3.18
C SER B 230 1.38 17.73 3.30
N ILE B 231 1.54 19.00 3.65
CA ILE B 231 2.84 19.56 4.03
C ILE B 231 2.83 19.78 5.54
N GLY B 232 3.62 18.98 6.25
CA GLY B 232 3.66 19.08 7.70
C GLY B 232 2.70 18.15 8.42
N PHE B 233 1.87 17.43 7.70
CA PHE B 233 0.93 16.48 8.29
C PHE B 233 1.67 15.17 8.56
N ASP B 234 1.51 14.61 9.75
CA ASP B 234 2.39 13.54 10.20
C ASP B 234 1.77 12.15 10.17
N TYR B 235 0.49 11.97 10.45
CA TYR B 235 -0.09 10.64 10.52
C TYR B 235 -0.75 10.26 9.20
N VAL B 236 -0.34 9.12 8.64
CA VAL B 236 -0.98 8.57 7.46
C VAL B 236 -2.39 8.10 7.79
N TYR B 237 -3.39 8.68 7.13
CA TYR B 237 -4.77 8.20 7.26
C TYR B 237 -4.91 6.93 6.43
N ASN B 238 -6.15 6.38 6.31
CA ASN B 238 -6.41 4.99 5.93
C ASN B 238 -5.55 4.46 4.79
N PRO B 239 -4.59 3.61 5.11
CA PRO B 239 -3.88 2.88 4.07
C PRO B 239 -4.61 1.59 3.78
N PHE B 240 -4.15 0.85 2.79
CA PHE B 240 -4.56 -0.53 2.60
C PHE B 240 -3.30 -1.37 2.57
N MET B 241 -3.37 -2.58 3.08
CA MET B 241 -2.19 -3.42 3.02
C MET B 241 -2.56 -4.76 2.42
N ILE B 242 -1.53 -5.56 2.18
CA ILE B 242 -1.71 -6.83 1.52
C ILE B 242 -0.51 -7.70 1.89
N ASP B 243 -0.76 -8.97 2.13
CA ASP B 243 0.28 -9.88 2.58
C ASP B 243 0.58 -10.88 1.48
N VAL B 244 1.83 -10.92 1.05
CA VAL B 244 2.21 -11.75 -0.08
C VAL B 244 2.46 -13.19 0.33
N GLN B 245 2.83 -13.44 1.59
CA GLN B 245 3.04 -14.81 2.05
C GLN B 245 1.76 -15.62 2.15
N GLN B 246 0.59 -15.00 2.18
CA GLN B 246 -0.65 -15.76 2.18
C GLN B 246 -1.16 -16.05 0.77
N TRP B 247 -0.29 -15.96 -0.24
CA TRP B 247 -0.60 -16.37 -1.60
C TRP B 247 0.03 -17.71 -1.96
N GLY B 248 0.29 -18.54 -0.95
CA GLY B 248 0.91 -19.83 -1.13
C GLY B 248 2.37 -19.82 -1.52
N PHE B 249 3.19 -19.23 -0.66
CA PHE B 249 4.64 -19.20 -0.85
C PHE B 249 5.31 -19.93 0.30
N THR B 250 6.20 -20.85 -0.02
CA THR B 250 6.92 -21.63 0.98
C THR B 250 8.40 -21.32 0.85
N GLY B 251 8.94 -20.57 1.81
CA GLY B 251 10.37 -20.34 1.82
C GLY B 251 10.74 -18.90 2.09
N ASN B 252 12.04 -18.61 2.05
CA ASN B 252 12.54 -17.27 2.31
C ASN B 252 12.09 -16.31 1.20
N LEU B 253 12.38 -15.04 1.42
CA LEU B 253 12.12 -14.02 0.41
C LEU B 253 13.17 -14.04 -0.70
N GLN B 254 14.45 -14.17 -0.33
CA GLN B 254 15.50 -14.22 -1.34
C GLN B 254 15.56 -15.55 -2.08
N SER B 255 14.81 -16.56 -1.65
CA SER B 255 14.69 -17.79 -2.42
C SER B 255 13.38 -17.87 -3.18
N ASN B 256 12.57 -16.81 -3.16
CA ASN B 256 11.42 -16.70 -4.03
C ASN B 256 11.46 -15.51 -4.98
N HIS B 257 12.22 -14.46 -4.67
CA HIS B 257 12.48 -13.38 -5.61
C HIS B 257 13.52 -13.76 -6.65
N ASP B 258 14.58 -14.45 -6.23
CA ASP B 258 15.73 -14.71 -7.08
C ASP B 258 15.48 -15.81 -8.11
N LEU B 259 14.28 -16.37 -8.16
CA LEU B 259 13.88 -17.29 -9.23
C LEU B 259 13.25 -16.56 -10.41
N TYR B 260 12.91 -15.28 -10.26
CA TYR B 260 12.26 -14.51 -11.30
C TYR B 260 13.09 -13.32 -11.77
N CYS B 261 13.97 -12.82 -10.94
CA CYS B 261 14.66 -11.56 -11.18
C CYS B 261 16.13 -11.72 -10.79
N GLN B 262 17.04 -11.25 -11.65
CA GLN B 262 18.46 -11.25 -11.38
C GLN B 262 19.02 -9.84 -11.35
N VAL B 263 18.17 -8.82 -11.15
CA VAL B 263 18.59 -7.40 -11.13
C VAL B 263 18.70 -6.87 -9.69
N HIS B 264 17.67 -7.08 -8.87
CA HIS B 264 17.70 -6.71 -7.45
C HIS B 264 18.63 -7.64 -6.64
N GLY B 265 18.98 -7.24 -5.42
CA GLY B 265 19.87 -7.99 -4.55
C GLY B 265 20.11 -7.28 -3.23
N ASN B 266 21.17 -7.68 -2.51
CA ASN B 266 21.58 -7.06 -1.24
C ASN B 266 20.43 -7.10 -0.22
N ALA B 267 19.97 -8.33 0.02
CA ALA B 267 18.86 -8.57 0.91
C ALA B 267 19.19 -8.24 2.36
N HIS B 268 18.12 -8.22 3.17
CA HIS B 268 18.11 -7.90 4.61
C HIS B 268 18.51 -6.46 4.88
N VAL B 269 18.59 -5.65 3.84
CA VAL B 269 18.48 -4.20 3.93
C VAL B 269 17.05 -3.84 3.58
N ALA B 270 16.49 -2.83 4.26
CA ALA B 270 15.06 -2.57 4.18
C ALA B 270 14.63 -2.17 2.77
N SER B 271 15.39 -1.32 2.09
CA SER B 271 14.97 -0.92 0.75
C SER B 271 15.11 -2.07 -0.24
N CYS B 272 15.83 -3.11 0.14
CA CYS B 272 15.99 -4.26 -0.73
C CYS B 272 15.17 -5.45 -0.27
N ASP B 273 14.40 -5.21 0.77
CA ASP B 273 13.40 -6.24 1.15
C ASP B 273 12.10 -5.67 0.55
N ALA B 274 11.89 -4.35 0.65
CA ALA B 274 10.67 -3.76 0.11
C ALA B 274 10.70 -3.67 -1.42
N ILE B 275 11.89 -3.74 -2.02
CA ILE B 275 11.90 -3.80 -3.47
C ILE B 275 11.62 -5.21 -3.96
N MET B 276 12.19 -6.21 -3.31
CA MET B 276 11.87 -7.60 -3.65
C MET B 276 10.41 -7.87 -3.34
N THR B 277 9.86 -7.30 -2.27
CA THR B 277 8.46 -7.52 -1.92
C THR B 277 7.52 -6.89 -2.92
N ARG B 278 7.91 -5.80 -3.56
CA ARG B 278 7.00 -5.28 -4.57
C ARG B 278 7.24 -5.92 -5.93
N CYS B 279 8.48 -6.30 -6.25
CA CYS B 279 8.87 -7.02 -7.47
C CYS B 279 8.12 -8.36 -7.56
N LEU B 280 8.15 -9.16 -6.50
CA LEU B 280 7.45 -10.44 -6.44
C LEU B 280 5.94 -10.27 -6.52
N ALA B 281 5.40 -9.18 -5.99
CA ALA B 281 3.95 -8.98 -6.01
C ALA B 281 3.47 -8.37 -7.30
N VAL B 282 4.37 -7.76 -8.08
CA VAL B 282 4.03 -7.38 -9.45
C VAL B 282 4.09 -8.61 -10.34
N HIS B 283 5.06 -9.48 -10.09
CA HIS B 283 5.18 -10.74 -10.84
C HIS B 283 3.94 -11.60 -10.64
N GLU B 284 3.58 -11.87 -9.40
CA GLU B 284 2.47 -12.79 -9.12
C GLU B 284 1.12 -12.29 -9.60
N CYS B 285 1.00 -11.08 -10.09
CA CYS B 285 -0.27 -10.58 -10.58
C CYS B 285 -0.27 -10.23 -12.06
N PHE B 286 0.89 -9.88 -12.64
CA PHE B 286 0.88 -9.33 -13.99
C PHE B 286 1.74 -10.06 -15.02
N VAL B 287 2.70 -10.89 -14.62
CA VAL B 287 3.62 -11.41 -15.63
C VAL B 287 3.02 -12.60 -16.36
N LYS B 288 1.93 -13.17 -15.86
CA LYS B 288 1.29 -14.29 -16.53
C LYS B 288 0.74 -13.88 -17.88
N ARG B 289 -0.18 -12.92 -17.88
CA ARG B 289 -0.80 -12.39 -19.09
C ARG B 289 -1.52 -11.11 -18.72
N VAL B 290 -1.64 -10.22 -19.70
CA VAL B 290 -2.39 -8.98 -19.49
C VAL B 290 -3.86 -9.32 -19.32
N ASP B 291 -4.50 -8.70 -18.33
CA ASP B 291 -5.90 -8.96 -18.03
C ASP B 291 -6.75 -7.84 -18.60
N TRP B 292 -7.58 -8.18 -19.59
CA TRP B 292 -8.33 -7.20 -20.37
C TRP B 292 -9.67 -6.82 -19.74
N THR B 293 -9.97 -7.30 -18.53
CA THR B 293 -11.26 -7.02 -17.92
C THR B 293 -11.22 -5.84 -16.96
N ILE B 294 -10.05 -5.50 -16.42
CA ILE B 294 -9.92 -4.54 -15.33
C ILE B 294 -9.54 -3.19 -15.95
N GLU B 295 -10.52 -2.30 -16.11
CA GLU B 295 -10.19 -0.97 -16.60
C GLU B 295 -9.46 -0.18 -15.49
N TYR B 296 -8.89 0.95 -15.86
CA TYR B 296 -8.15 1.78 -14.92
C TYR B 296 -8.52 3.24 -15.11
N PRO B 297 -8.42 4.05 -14.04
CA PRO B 297 -8.72 5.48 -14.17
C PRO B 297 -7.78 6.19 -15.12
N ILE B 298 -8.14 7.42 -15.44
CA ILE B 298 -7.42 8.25 -16.41
C ILE B 298 -6.59 9.25 -15.62
N ILE B 299 -5.30 8.96 -15.43
CA ILE B 299 -4.43 9.88 -14.70
C ILE B 299 -4.16 11.12 -15.55
N GLY B 300 -3.53 10.94 -16.70
CA GLY B 300 -3.32 12.04 -17.63
C GLY B 300 -2.72 11.62 -18.95
N ASP B 301 -3.17 12.26 -20.04
CA ASP B 301 -2.71 11.98 -21.41
C ASP B 301 -3.02 10.56 -21.88
N GLU B 302 -3.93 9.86 -21.18
CA GLU B 302 -4.30 8.50 -21.59
C GLU B 302 -5.07 8.46 -22.91
N LEU B 303 -5.90 9.47 -23.17
CA LEU B 303 -6.67 9.49 -24.41
C LEU B 303 -5.80 9.86 -25.61
N LYS B 304 -4.84 10.75 -25.43
CA LYS B 304 -4.07 11.24 -26.56
C LYS B 304 -2.99 10.24 -26.96
N ILE B 305 -2.36 9.59 -25.98
CA ILE B 305 -1.26 8.68 -26.26
C ILE B 305 -1.78 7.47 -27.03
N ASN B 306 -2.92 6.92 -26.62
CA ASN B 306 -3.45 5.74 -27.28
C ASN B 306 -3.89 6.05 -28.71
N ALA B 307 -4.56 7.19 -28.91
CA ALA B 307 -4.98 7.55 -30.25
C ALA B 307 -3.78 7.88 -31.14
N ALA B 308 -2.72 8.46 -30.57
CA ALA B 308 -1.53 8.71 -31.35
C ALA B 308 -0.84 7.41 -31.74
N CYS B 309 -0.80 6.45 -30.82
CA CYS B 309 -0.25 5.13 -31.14
C CYS B 309 -1.06 4.45 -32.22
N ARG B 310 -2.39 4.53 -32.14
CA ARG B 310 -3.24 3.95 -33.17
C ARG B 310 -3.01 4.64 -34.52
N LYS B 311 -2.78 5.96 -34.49
CA LYS B 311 -2.53 6.69 -35.73
C LYS B 311 -1.20 6.28 -36.36
N VAL B 312 -0.15 6.18 -35.56
CA VAL B 312 1.15 5.85 -36.13
C VAL B 312 1.22 4.39 -36.52
N GLN B 313 0.50 3.51 -35.82
CA GLN B 313 0.51 2.11 -36.20
C GLN B 313 -0.30 1.91 -37.46
N HIS B 314 -1.39 2.67 -37.61
CA HIS B 314 -2.14 2.68 -38.86
C HIS B 314 -1.32 3.22 -40.02
N MET B 315 -0.38 4.13 -39.72
CA MET B 315 0.40 4.77 -40.78
C MET B 315 1.56 3.90 -41.25
N VAL B 316 2.40 3.43 -40.32
CA VAL B 316 3.64 2.76 -40.69
C VAL B 316 3.38 1.44 -41.40
N VAL B 317 2.33 0.72 -41.00
CA VAL B 317 2.01 -0.55 -41.63
C VAL B 317 1.58 -0.35 -43.07
N LYS B 318 0.69 0.62 -43.32
CA LYS B 318 0.25 0.87 -44.68
C LYS B 318 1.41 1.35 -45.54
N ALA B 319 2.32 2.14 -44.97
CA ALA B 319 3.46 2.61 -45.74
C ALA B 319 4.37 1.45 -46.13
N ALA B 320 4.67 0.56 -45.18
CA ALA B 320 5.54 -0.56 -45.49
C ALA B 320 4.88 -1.56 -46.42
N LEU B 321 3.56 -1.70 -46.33
CA LEU B 321 2.85 -2.62 -47.21
C LEU B 321 2.77 -2.07 -48.63
N LEU B 322 2.42 -0.79 -48.77
CA LEU B 322 2.29 -0.18 -50.08
C LEU B 322 3.64 0.07 -50.72
N ALA B 323 4.71 0.13 -49.93
CA ALA B 323 6.05 0.41 -50.43
C ALA B 323 6.80 -0.84 -50.91
N ASP B 324 6.65 -1.97 -50.21
CA ASP B 324 7.41 -3.18 -50.49
C ASP B 324 6.54 -4.29 -51.10
N LYS B 325 5.23 -4.12 -51.11
CA LYS B 325 4.30 -5.03 -51.78
C LYS B 325 4.43 -6.44 -51.21
N PHE B 326 4.31 -6.55 -49.88
CA PHE B 326 4.39 -7.86 -49.26
C PHE B 326 3.16 -8.72 -49.57
N PRO B 327 3.35 -10.00 -49.95
CA PRO B 327 2.21 -10.83 -50.33
C PRO B 327 1.30 -11.14 -49.15
N VAL B 328 1.91 -11.53 -48.03
CA VAL B 328 1.22 -11.86 -46.79
C VAL B 328 1.85 -11.08 -45.65
N LEU B 329 1.03 -10.74 -44.66
CA LEU B 329 1.48 -10.06 -43.45
C LEU B 329 1.03 -10.86 -42.24
N HIS B 330 1.98 -11.26 -41.41
CA HIS B 330 1.65 -11.98 -40.19
C HIS B 330 1.24 -10.99 -39.11
N ASP B 331 0.83 -11.53 -37.95
CA ASP B 331 0.54 -10.70 -36.80
C ASP B 331 0.77 -11.55 -35.57
N ILE B 332 1.38 -10.95 -34.54
CA ILE B 332 1.69 -11.63 -33.30
C ILE B 332 1.31 -10.73 -32.14
N GLY B 333 0.75 -11.33 -31.08
CA GLY B 333 0.41 -10.60 -29.88
C GLY B 333 -0.82 -9.73 -29.97
N ASN B 334 -1.52 -9.70 -31.09
CA ASN B 334 -2.73 -8.91 -31.20
C ASN B 334 -3.87 -9.70 -30.56
N PRO B 335 -4.34 -9.29 -29.38
CA PRO B 335 -5.30 -10.12 -28.63
C PRO B 335 -6.64 -10.33 -29.33
N LYS B 336 -7.30 -9.25 -29.73
CA LYS B 336 -8.46 -9.35 -30.60
C LYS B 336 -8.01 -9.42 -32.05
N ALA B 337 -8.98 -9.55 -32.95
CA ALA B 337 -8.75 -9.39 -34.39
C ALA B 337 -9.33 -8.05 -34.82
N ILE B 338 -8.48 -7.02 -34.84
CA ILE B 338 -8.88 -5.68 -35.26
C ILE B 338 -7.90 -5.28 -36.38
N LYS B 339 -8.39 -5.27 -37.61
CA LYS B 339 -7.49 -5.00 -38.74
C LYS B 339 -7.08 -3.53 -38.70
N CYS B 340 -5.78 -3.30 -38.51
CA CYS B 340 -5.24 -1.94 -38.47
C CYS B 340 -5.41 -1.22 -39.80
N VAL B 341 -4.96 -1.83 -40.89
CA VAL B 341 -5.23 -1.34 -42.23
C VAL B 341 -6.21 -2.26 -42.97
N PRO B 342 -7.52 -1.96 -42.92
CA PRO B 342 -8.47 -2.85 -43.59
C PRO B 342 -8.42 -2.74 -45.10
N GLN B 343 -8.04 -1.58 -45.64
CA GLN B 343 -8.02 -1.39 -47.09
C GLN B 343 -6.66 -1.83 -47.62
N ALA B 344 -6.40 -3.12 -47.53
CA ALA B 344 -5.13 -3.70 -47.95
C ALA B 344 -5.39 -4.99 -48.72
N ASP B 345 -4.33 -5.52 -49.30
CA ASP B 345 -4.39 -6.75 -50.07
C ASP B 345 -3.81 -7.95 -49.34
N VAL B 346 -3.05 -7.73 -48.26
CA VAL B 346 -2.42 -8.84 -47.55
C VAL B 346 -3.46 -9.68 -46.82
N GLU B 347 -3.10 -10.95 -46.60
CA GLU B 347 -3.92 -11.89 -45.85
C GLU B 347 -3.50 -11.86 -44.39
N TRP B 348 -4.42 -11.48 -43.50
CA TRP B 348 -4.08 -11.24 -42.10
C TRP B 348 -4.20 -12.54 -41.30
N LYS B 349 -3.15 -13.36 -41.38
CA LYS B 349 -3.08 -14.55 -40.54
C LYS B 349 -2.83 -14.10 -39.11
N PHE B 350 -3.82 -14.31 -38.24
CA PHE B 350 -3.75 -13.88 -36.83
C PHE B 350 -3.05 -14.93 -35.96
N TYR B 351 -1.71 -14.90 -35.99
CA TYR B 351 -0.93 -15.81 -35.14
C TYR B 351 -0.90 -15.23 -33.72
N ASP B 352 -2.06 -15.26 -33.08
CA ASP B 352 -2.19 -14.72 -31.73
C ASP B 352 -1.44 -15.59 -30.72
N ALA B 353 -1.20 -15.03 -29.54
CA ALA B 353 -0.59 -15.79 -28.47
C ALA B 353 -1.54 -16.85 -27.92
N GLN B 354 -2.74 -16.44 -27.55
CA GLN B 354 -3.80 -17.32 -27.07
C GLN B 354 -5.14 -16.79 -27.58
N PRO B 355 -6.12 -17.65 -27.82
CA PRO B 355 -7.45 -17.17 -28.20
C PRO B 355 -8.11 -16.44 -27.04
N CYS B 356 -8.54 -15.21 -27.29
CA CYS B 356 -9.09 -14.34 -26.25
C CYS B 356 -10.56 -14.04 -26.54
N SER B 357 -11.44 -14.81 -25.91
CA SER B 357 -12.88 -14.54 -25.79
C SER B 357 -13.62 -14.47 -27.11
N ASP B 358 -13.00 -14.89 -28.22
CA ASP B 358 -13.73 -14.95 -29.49
C ASP B 358 -12.98 -15.84 -30.48
N LYS B 359 -13.75 -16.60 -31.27
CA LYS B 359 -13.21 -17.33 -32.41
C LYS B 359 -13.95 -16.99 -33.71
N ALA B 360 -14.57 -15.80 -33.77
CA ALA B 360 -15.36 -15.41 -34.94
C ALA B 360 -14.51 -15.18 -36.17
N TYR B 361 -13.21 -14.93 -36.00
CA TYR B 361 -12.30 -14.63 -37.09
C TYR B 361 -11.22 -15.68 -37.26
N LYS B 362 -11.28 -16.77 -36.49
CA LYS B 362 -10.33 -17.89 -36.54
C LYS B 362 -8.91 -17.39 -36.34
N ILE B 363 -8.69 -16.76 -35.19
CA ILE B 363 -7.37 -16.36 -34.77
C ILE B 363 -6.56 -17.59 -34.36
N GLU B 364 -5.36 -17.71 -34.91
CA GLU B 364 -4.51 -18.85 -34.63
C GLU B 364 -3.82 -18.68 -33.28
N GLU B 365 -3.42 -19.80 -32.69
CA GLU B 365 -2.72 -19.81 -31.41
C GLU B 365 -1.27 -20.19 -31.61
N LEU B 366 -0.36 -19.29 -31.25
CA LEU B 366 1.06 -19.58 -31.37
C LEU B 366 1.86 -18.68 -30.44
N PHE B 367 2.84 -19.26 -29.77
CA PHE B 367 3.77 -18.53 -28.93
C PHE B 367 5.07 -18.40 -29.73
N TYR B 368 5.77 -17.28 -29.54
CA TYR B 368 6.97 -17.01 -30.31
C TYR B 368 8.20 -17.00 -29.42
N SER B 369 9.25 -17.66 -29.89
CA SER B 369 10.58 -17.57 -29.32
C SER B 369 11.58 -17.65 -30.47
N TYR B 370 12.75 -17.02 -30.28
CA TYR B 370 13.66 -16.86 -31.41
C TYR B 370 14.24 -18.20 -31.85
N ALA B 371 14.78 -18.97 -30.90
CA ALA B 371 15.43 -20.23 -31.24
C ALA B 371 14.43 -21.28 -31.71
N THR B 372 13.16 -21.09 -31.40
CA THR B 372 12.13 -22.03 -31.83
C THR B 372 11.70 -21.71 -33.26
N HIS B 373 11.38 -20.45 -33.53
CA HIS B 373 10.72 -20.03 -34.76
C HIS B 373 11.62 -19.15 -35.62
N SER B 374 12.95 -19.37 -35.55
CA SER B 374 13.87 -18.56 -36.35
C SER B 374 13.70 -18.82 -37.84
N ASP B 375 13.27 -20.01 -38.23
CA ASP B 375 13.10 -20.34 -39.64
C ASP B 375 11.67 -20.79 -39.95
N LYS B 376 10.70 -20.38 -39.14
CA LYS B 376 9.32 -20.74 -39.43
C LYS B 376 8.64 -19.73 -40.33
N PHE B 377 8.78 -18.44 -40.03
CA PHE B 377 8.23 -17.37 -40.85
C PHE B 377 9.30 -16.78 -41.75
N THR B 378 9.21 -17.08 -43.04
CA THR B 378 10.13 -16.55 -44.03
C THR B 378 9.43 -15.68 -45.05
N ASP B 379 8.12 -15.80 -45.16
CA ASP B 379 7.31 -15.12 -46.17
C ASP B 379 6.72 -13.84 -45.60
N GLY B 380 6.96 -12.72 -46.28
CA GLY B 380 6.29 -11.49 -45.91
C GLY B 380 6.90 -10.73 -44.75
N VAL B 381 6.04 -10.25 -43.84
CA VAL B 381 6.47 -9.43 -42.72
C VAL B 381 5.53 -9.70 -41.55
N CYS B 382 6.10 -9.70 -40.35
CA CYS B 382 5.37 -10.11 -39.14
C CYS B 382 5.28 -8.92 -38.19
N LEU B 383 4.05 -8.48 -37.93
CA LEU B 383 3.79 -7.28 -37.14
C LEU B 383 3.80 -7.64 -35.65
N PHE B 384 4.94 -7.44 -35.01
CA PHE B 384 5.03 -7.69 -33.57
C PHE B 384 4.64 -6.46 -32.74
N TRP B 385 3.40 -6.03 -32.86
CA TRP B 385 3.00 -4.84 -32.12
C TRP B 385 2.79 -5.21 -30.67
N ASN B 386 3.62 -4.64 -29.78
CA ASN B 386 3.54 -4.87 -28.35
C ASN B 386 3.71 -6.36 -28.02
N CYS B 387 4.64 -7.01 -28.70
CA CYS B 387 5.00 -8.38 -28.38
C CYS B 387 6.22 -8.38 -27.46
N ASN B 388 6.43 -9.50 -26.78
CA ASN B 388 7.37 -9.54 -25.68
C ASN B 388 8.43 -10.61 -25.89
N VAL B 389 8.67 -10.99 -27.15
CA VAL B 389 9.61 -12.05 -27.45
C VAL B 389 11.03 -11.58 -27.19
N ASP B 390 11.93 -12.54 -26.92
CA ASP B 390 13.30 -12.22 -26.55
C ASP B 390 14.01 -11.53 -27.70
N ARG B 391 13.84 -12.05 -28.93
CA ARG B 391 14.45 -11.48 -30.11
C ARG B 391 13.49 -11.62 -31.28
N TYR B 392 13.50 -10.63 -32.18
CA TYR B 392 12.61 -10.49 -33.32
C TYR B 392 13.28 -10.94 -34.60
N PRO B 393 12.52 -11.52 -35.54
CA PRO B 393 13.11 -11.95 -36.81
C PRO B 393 13.50 -10.79 -37.72
N ALA B 394 14.09 -11.12 -38.87
CA ALA B 394 14.69 -10.12 -39.73
C ALA B 394 13.69 -9.37 -40.60
N ASN B 395 12.42 -9.78 -40.60
CA ASN B 395 11.36 -9.04 -41.29
C ASN B 395 10.21 -8.80 -40.32
N SER B 396 10.10 -7.58 -39.81
CA SER B 396 9.07 -7.25 -38.83
C SER B 396 8.93 -5.74 -38.75
N ILE B 397 7.82 -5.32 -38.14
CA ILE B 397 7.57 -3.93 -37.77
C ILE B 397 7.27 -3.95 -36.27
N VAL B 398 8.26 -3.61 -35.46
CA VAL B 398 8.20 -3.82 -34.02
C VAL B 398 7.94 -2.50 -33.33
N CYS B 399 7.13 -2.53 -32.29
CA CYS B 399 6.95 -1.38 -31.40
C CYS B 399 7.11 -1.89 -29.98
N ARG B 400 8.25 -1.61 -29.36
CA ARG B 400 8.53 -2.13 -28.04
C ARG B 400 8.64 -0.96 -27.07
N PHE B 401 8.07 -1.13 -25.88
CA PHE B 401 8.11 -0.07 -24.88
C PHE B 401 9.48 -0.02 -24.22
N ASP B 402 10.13 1.13 -24.32
CA ASP B 402 11.47 1.35 -23.76
C ASP B 402 11.35 1.55 -22.25
N THR B 403 11.70 0.52 -21.50
CA THR B 403 11.42 0.44 -20.07
C THR B 403 12.40 1.22 -19.21
N ARG B 404 13.30 2.01 -19.78
CA ARG B 404 14.19 2.83 -18.97
C ARG B 404 13.68 4.24 -18.75
N VAL B 405 12.55 4.61 -19.32
CA VAL B 405 11.96 5.92 -19.10
C VAL B 405 10.98 5.86 -17.94
N LEU B 406 11.11 6.80 -17.00
CA LEU B 406 10.27 6.84 -15.80
C LEU B 406 9.29 7.99 -15.95
N SER B 407 8.02 7.70 -15.72
CA SER B 407 6.96 8.70 -15.78
C SER B 407 5.86 8.28 -14.81
N ASN B 408 4.80 9.07 -14.75
CA ASN B 408 3.65 8.69 -13.93
C ASN B 408 2.85 7.57 -14.55
N LEU B 409 3.10 7.24 -15.82
CA LEU B 409 2.48 6.05 -16.40
C LEU B 409 3.28 4.80 -16.08
N ASN B 410 4.59 4.86 -16.28
CA ASN B 410 5.49 3.71 -16.31
C ASN B 410 5.99 3.32 -14.91
N LEU B 411 5.18 2.54 -14.21
CA LEU B 411 5.60 2.12 -12.88
C LEU B 411 6.73 1.10 -13.00
N PRO B 412 7.63 1.07 -12.01
CA PRO B 412 8.72 0.08 -12.04
C PRO B 412 8.19 -1.33 -11.83
N GLY B 413 8.92 -2.29 -12.39
CA GLY B 413 8.41 -3.65 -12.43
C GLY B 413 9.46 -4.74 -12.27
N CYS B 414 9.06 -5.97 -12.56
CA CYS B 414 9.87 -7.17 -12.35
C CYS B 414 10.97 -7.32 -13.41
N ASP B 415 12.14 -7.84 -13.00
CA ASP B 415 13.26 -8.18 -13.86
C ASP B 415 13.73 -7.03 -14.78
N GLY B 416 13.71 -5.79 -14.26
CA GLY B 416 14.05 -4.61 -15.01
C GLY B 416 13.02 -4.17 -16.03
N GLY B 417 12.13 -5.05 -16.45
CA GLY B 417 10.98 -4.64 -17.21
C GLY B 417 10.00 -3.87 -16.34
N SER B 418 9.09 -3.15 -16.97
CA SER B 418 8.25 -2.26 -16.19
C SER B 418 6.79 -2.43 -16.54
N LEU B 419 5.94 -1.92 -15.66
CA LEU B 419 4.50 -2.05 -15.74
C LEU B 419 3.93 -0.76 -16.34
N TYR B 420 3.52 -0.81 -17.60
CA TYR B 420 2.95 0.35 -18.29
C TYR B 420 1.43 0.26 -18.16
N VAL B 421 0.91 0.94 -17.13
CA VAL B 421 -0.51 0.88 -16.79
C VAL B 421 -1.22 2.06 -17.47
N ASN B 422 -1.76 1.82 -18.67
CA ASN B 422 -2.51 2.86 -19.38
C ASN B 422 -3.80 2.21 -19.88
N LYS B 423 -4.90 2.45 -19.16
CA LYS B 423 -6.23 1.94 -19.45
C LYS B 423 -6.27 0.41 -19.50
N HIS B 424 -5.17 -0.24 -19.13
CA HIS B 424 -4.90 -1.67 -19.09
C HIS B 424 -3.50 -1.77 -18.50
N ALA B 425 -3.09 -2.98 -18.15
CA ALA B 425 -1.77 -3.21 -17.56
C ALA B 425 -0.89 -4.06 -18.48
N PHE B 426 0.19 -3.48 -19.01
CA PHE B 426 1.12 -4.20 -19.89
C PHE B 426 2.44 -4.33 -19.16
N HIS B 427 2.83 -5.56 -18.84
CA HIS B 427 4.12 -5.84 -18.18
C HIS B 427 5.22 -6.07 -19.20
N THR B 428 5.76 -4.96 -19.71
CA THR B 428 6.75 -5.16 -20.76
C THR B 428 8.09 -5.56 -20.16
N PRO B 429 8.80 -6.51 -20.76
CA PRO B 429 10.06 -6.99 -20.21
C PRO B 429 11.17 -5.96 -20.47
N ALA B 430 12.37 -6.28 -19.99
CA ALA B 430 13.46 -5.32 -20.08
C ALA B 430 13.82 -5.02 -21.52
N PHE B 431 14.10 -3.74 -21.78
CA PHE B 431 14.49 -3.25 -23.10
C PHE B 431 15.99 -3.43 -23.26
N ASP B 432 16.40 -4.47 -23.98
CA ASP B 432 17.81 -4.72 -24.22
C ASP B 432 18.12 -4.48 -25.69
N LYS B 433 19.34 -4.02 -25.97
CA LYS B 433 19.73 -3.80 -27.35
C LYS B 433 19.87 -5.11 -28.11
N SER B 434 20.15 -6.21 -27.40
CA SER B 434 20.38 -7.52 -28.02
C SER B 434 19.15 -8.02 -28.77
N ALA B 435 17.97 -7.48 -28.46
CA ALA B 435 16.74 -7.88 -29.14
C ALA B 435 16.68 -7.34 -30.55
N PHE B 436 17.39 -6.26 -30.84
CA PHE B 436 17.22 -5.53 -32.10
C PHE B 436 18.44 -5.68 -33.02
N VAL B 437 19.11 -6.83 -32.95
CA VAL B 437 20.29 -7.06 -33.79
C VAL B 437 19.91 -7.38 -35.23
N ASN B 438 18.65 -7.68 -35.49
CA ASN B 438 18.18 -7.94 -36.86
C ASN B 438 17.39 -6.77 -37.43
N LEU B 439 17.28 -5.66 -36.70
CA LEU B 439 16.44 -4.55 -37.09
C LEU B 439 17.22 -3.26 -37.06
N LYS B 440 16.58 -2.19 -37.54
CA LYS B 440 17.12 -0.84 -37.44
C LYS B 440 16.02 0.09 -36.92
N GLN B 441 16.43 1.33 -36.65
CA GLN B 441 15.48 2.35 -36.23
C GLN B 441 14.62 2.80 -37.42
N LEU B 442 13.55 3.53 -37.11
CA LEU B 442 12.68 4.04 -38.15
C LEU B 442 12.84 5.54 -38.31
N PRO B 443 13.05 6.03 -39.53
CA PRO B 443 13.05 7.48 -39.74
C PRO B 443 11.64 8.03 -39.57
N PHE B 444 11.56 9.35 -39.40
CA PHE B 444 10.29 10.02 -39.30
C PHE B 444 9.82 10.56 -40.64
N PHE B 445 8.58 10.23 -41.00
CA PHE B 445 8.03 10.59 -42.30
C PHE B 445 6.52 10.45 -42.24
N TYR B 446 5.84 11.11 -43.18
CA TYR B 446 4.39 11.07 -43.27
C TYR B 446 3.99 10.88 -44.72
N TYR B 447 3.15 9.89 -44.99
CA TYR B 447 2.77 9.52 -46.35
C TYR B 447 1.27 9.33 -46.44
N SER B 448 0.64 10.02 -47.40
CA SER B 448 -0.80 9.97 -47.57
C SER B 448 -1.13 10.03 -49.05
N ASP B 449 -2.14 9.27 -49.45
CA ASP B 449 -2.65 9.27 -50.81
C ASP B 449 -3.85 10.20 -50.99
N SER B 450 -4.16 11.01 -50.00
CA SER B 450 -5.28 11.94 -50.12
C SER B 450 -4.92 13.02 -51.13
N PRO B 451 -5.79 13.30 -52.10
CA PRO B 451 -5.53 14.40 -53.03
C PRO B 451 -5.52 15.75 -52.31
N CYS B 452 -4.67 16.61 -52.83
CA CYS B 452 -4.42 17.94 -52.30
C CYS B 452 -5.61 18.90 -52.55
N GLU B 453 -6.17 19.52 -51.49
CA GLU B 453 -7.10 20.62 -51.67
C GLU B 453 -6.36 21.95 -51.53
N SER B 454 -7.03 23.02 -51.94
CA SER B 454 -6.45 24.36 -51.88
C SER B 454 -6.52 24.93 -50.46
N TYR B 465 -1.11 30.79 -41.26
CA TYR B 465 -0.41 29.81 -42.07
C TYR B 465 1.06 30.19 -42.20
N VAL B 466 1.94 29.21 -42.02
CA VAL B 466 3.37 29.37 -42.21
C VAL B 466 3.85 28.32 -43.20
N PRO B 467 4.59 28.71 -44.24
CA PRO B 467 5.15 27.72 -45.18
C PRO B 467 6.21 26.82 -44.54
N LEU B 468 6.01 25.51 -44.70
CA LEU B 468 6.87 24.50 -44.09
C LEU B 468 7.54 23.72 -45.21
N LYS B 469 8.87 23.62 -45.13
CA LYS B 469 9.65 22.89 -46.13
C LYS B 469 10.41 21.77 -45.41
N SER B 470 9.92 20.54 -45.54
CA SER B 470 10.60 19.40 -44.94
C SER B 470 10.56 18.22 -45.89
N ALA B 471 11.72 17.63 -46.16
CA ALA B 471 11.79 16.51 -47.09
C ALA B 471 11.22 15.23 -46.50
N THR B 472 10.93 15.22 -45.20
CA THR B 472 10.37 14.05 -44.53
C THR B 472 8.94 13.76 -44.97
N CYS B 473 8.13 14.82 -45.14
CA CYS B 473 6.76 14.65 -45.59
C CYS B 473 6.69 14.16 -47.03
N ILE B 474 5.84 13.15 -47.26
CA ILE B 474 5.72 12.48 -48.54
C ILE B 474 4.32 12.80 -49.07
N THR B 475 4.22 13.91 -49.80
CA THR B 475 3.01 14.30 -50.53
C THR B 475 3.44 14.99 -51.81
N ARG B 476 2.61 14.94 -52.84
CA ARG B 476 2.91 15.58 -54.11
C ARG B 476 2.94 17.10 -54.01
N CYS B 477 2.33 17.73 -52.99
CA CYS B 477 2.37 19.19 -52.91
C CYS B 477 3.76 19.68 -52.46
N ASN B 478 4.32 19.06 -51.42
CA ASN B 478 5.65 19.41 -50.92
C ASN B 478 6.78 18.99 -51.86
N LEU B 479 6.51 18.12 -52.84
CA LEU B 479 7.50 17.85 -53.88
C LEU B 479 7.65 19.05 -54.80
N GLY B 480 6.59 19.83 -54.99
CA GLY B 480 6.65 21.04 -55.77
C GLY B 480 7.24 22.19 -54.95
N GLY B 481 7.06 23.40 -55.49
CA GLY B 481 7.57 24.61 -54.88
C GLY B 481 6.75 25.10 -53.71
N ALA B 482 5.43 24.97 -53.82
CA ALA B 482 4.48 25.47 -52.84
C ALA B 482 3.84 24.30 -52.09
N VAL B 483 3.86 24.38 -50.77
CA VAL B 483 3.23 23.36 -49.92
C VAL B 483 1.81 23.80 -49.56
N CYS B 484 0.85 22.95 -49.91
CA CYS B 484 -0.55 23.27 -49.73
C CYS B 484 -0.93 23.29 -48.25
N ARG B 485 -2.04 23.95 -47.96
CA ARG B 485 -2.56 23.98 -46.60
C ARG B 485 -3.43 22.77 -46.28
N HIS B 486 -3.73 21.90 -47.23
CA HIS B 486 -4.44 20.63 -46.98
C HIS B 486 -3.49 19.48 -46.58
N HIS B 487 -2.18 19.76 -46.49
CA HIS B 487 -1.17 18.81 -46.01
C HIS B 487 -0.28 19.38 -44.90
N ALA B 488 -0.18 20.70 -44.72
CA ALA B 488 0.73 21.24 -43.70
C ALA B 488 0.20 20.94 -42.30
N ASN B 489 -1.11 21.12 -42.09
CA ASN B 489 -1.68 20.79 -40.80
C ASN B 489 -1.65 19.29 -40.54
N GLU B 490 -1.77 18.49 -41.60
CA GLU B 490 -1.62 17.04 -41.46
C GLU B 490 -0.21 16.69 -40.99
N TYR B 491 0.81 17.29 -41.60
CA TYR B 491 2.17 17.01 -41.21
C TYR B 491 2.46 17.47 -39.78
N ARG B 492 1.92 18.62 -39.36
CA ARG B 492 2.20 19.06 -38.00
C ARG B 492 1.48 18.19 -36.97
N LEU B 493 0.22 17.78 -37.26
CA LEU B 493 -0.47 16.88 -36.35
C LEU B 493 0.23 15.54 -36.25
N TYR B 494 0.74 15.03 -37.37
CA TYR B 494 1.45 13.75 -37.33
C TYR B 494 2.75 13.87 -36.56
N LEU B 495 3.45 15.00 -36.73
CA LEU B 495 4.66 15.24 -35.93
C LEU B 495 4.34 15.33 -34.45
N ASP B 496 3.24 15.98 -34.08
CA ASP B 496 2.87 16.05 -32.67
C ASP B 496 2.57 14.66 -32.12
N ALA B 497 1.84 13.85 -32.87
CA ALA B 497 1.55 12.49 -32.41
C ALA B 497 2.83 11.68 -32.25
N TYR B 498 3.75 11.82 -33.22
CA TYR B 498 4.99 11.05 -33.16
C TYR B 498 5.89 11.46 -32.01
N ASN B 499 6.05 12.78 -31.78
CA ASN B 499 6.91 13.19 -30.67
C ASN B 499 6.27 12.91 -29.32
N MET B 500 4.95 13.05 -29.20
CA MET B 500 4.33 12.69 -27.93
C MET B 500 4.43 11.20 -27.65
N MET B 501 4.35 10.36 -28.68
CA MET B 501 4.53 8.94 -28.50
C MET B 501 5.95 8.60 -28.07
N ILE B 502 6.94 9.13 -28.79
CA ILE B 502 8.34 8.85 -28.44
C ILE B 502 8.66 9.36 -27.04
N SER B 503 8.08 10.50 -26.65
CA SER B 503 8.25 10.96 -25.27
C SER B 503 7.56 10.02 -24.29
N ALA B 504 6.47 9.38 -24.71
CA ALA B 504 5.77 8.45 -23.82
C ALA B 504 6.60 7.20 -23.55
N GLY B 505 7.49 6.84 -24.47
CA GLY B 505 8.41 5.74 -24.24
C GLY B 505 8.40 4.60 -25.25
N PHE B 506 7.54 4.57 -26.25
CA PHE B 506 7.61 3.48 -27.21
C PHE B 506 8.86 3.66 -28.09
N SER B 507 9.23 2.59 -28.79
CA SER B 507 10.35 2.63 -29.72
C SER B 507 10.07 1.73 -30.91
N LEU B 508 9.98 2.35 -32.08
CA LEU B 508 9.71 1.65 -33.32
C LEU B 508 10.99 1.07 -33.91
N TRP B 509 10.86 -0.11 -34.50
CA TRP B 509 11.95 -0.80 -35.17
C TRP B 509 11.40 -1.39 -36.46
N VAL B 510 12.29 -1.59 -37.43
CA VAL B 510 11.87 -2.01 -38.76
C VAL B 510 12.97 -2.92 -39.32
N TYR B 511 12.67 -3.59 -40.42
CA TYR B 511 13.59 -4.53 -41.02
C TYR B 511 14.75 -3.78 -41.70
N LYS B 512 15.73 -4.58 -42.15
CA LYS B 512 16.98 -4.02 -42.67
C LYS B 512 16.76 -3.30 -43.99
N GLN B 513 15.97 -3.90 -44.89
CA GLN B 513 15.82 -3.41 -46.25
C GLN B 513 14.79 -2.29 -46.39
N PHE B 514 14.35 -1.68 -45.30
CA PHE B 514 13.43 -0.55 -45.40
C PHE B 514 14.13 0.64 -46.07
N ASP B 515 13.59 1.08 -47.20
CA ASP B 515 14.14 2.17 -47.99
C ASP B 515 13.04 3.21 -48.13
N THR B 516 13.31 4.43 -47.66
CA THR B 516 12.30 5.47 -47.75
C THR B 516 12.07 5.96 -49.18
N TYR B 517 13.04 5.78 -50.08
CA TYR B 517 12.88 6.17 -51.48
C TYR B 517 12.01 5.23 -52.31
N ASN B 518 11.72 4.01 -51.85
CA ASN B 518 10.81 3.15 -52.60
C ASN B 518 9.39 3.69 -52.62
N LEU B 519 9.03 4.52 -51.65
CA LEU B 519 7.72 5.13 -51.60
C LEU B 519 7.54 6.20 -52.67
N TRP B 520 8.62 6.84 -53.12
CA TRP B 520 8.47 7.98 -54.03
C TRP B 520 8.00 7.53 -55.42
N ASN B 521 8.49 6.40 -55.91
CA ASN B 521 8.13 5.97 -57.26
C ASN B 521 6.69 5.46 -57.35
N THR B 522 6.02 5.24 -56.22
CA THR B 522 4.61 4.88 -56.25
C THR B 522 3.75 6.00 -56.84
N PHE B 523 4.11 7.26 -56.61
CA PHE B 523 3.37 8.38 -57.17
C PHE B 523 3.51 8.45 -58.69
ZN ZN E . -7.22 6.25 31.26
ZN ZN F . -25.51 14.74 41.50
CA CA G . 13.24 -8.26 5.84
CA CA H . 9.32 -8.31 6.95
ZN ZN I . -6.39 18.84 -0.48
ZN ZN J . 13.36 -8.23 -8.52
ZN ZN K . -1.76 18.93 -50.51
#